data_6FW7
#
_entry.id   6FW7
#
_cell.length_a   151.812
_cell.length_b   174.880
_cell.length_c   93.919
_cell.angle_alpha   90.00
_cell.angle_beta   90.00
_cell.angle_gamma   90.00
#
_symmetry.space_group_name_H-M   'C 2 2 21'
#
loop_
_entity.id
_entity.type
_entity.pdbx_description
1 polymer 'Flavin-dependent L-tryptophan oxidase VioA'
2 non-polymer 'FLAVIN-ADENINE DINUCLEOTIDE'
3 non-polymer 4-FLUOROTRYPTOPHANE
4 non-polymer 'MAGNESIUM ION'
5 water water
#
_entity_poly.entity_id   1
_entity_poly.type   'polypeptide(L)'
_entity_poly.pdbx_seq_one_letter_code
;KHSSDICIVGAGISGLTCASHLLDSPACRGLSLRIFDMQQEAGGRIRSKMLDGKASIELGAGRYSPQLHPHFQSAMQHYS
QKSEVYPFTQLKFKSHVQQKLKRAMNELSPRLKEHGKESFLQFVSRYQGHDSAVGMIRSMGYDALFLPDISAEMAYDIVG
KHPEIQSVTDNDANQWFAAETGFAGLIQGIKAKVKAAGARFSLGYRLLSVRTDGDGYLLQLAGDDGWKLEHRTRHLILAI
PPSAMAGLNVDFPEAWSGARYGSLPLFKGFLTYGEPWWLDYKLDDQVLIVDNPLRKIYFKGDKYLFFYTDSEMANYWRGC
VAEGEDGYLEQIRTHLASALGIVRERIPQPLAHVHKYWAHGVEFCRDSDIDHPSALSHRDSGIIACSDAYTEHCGWMEGG
LLSAREASRLLLQRIAA
;
_entity_poly.pdbx_strand_id   B,A
#
# COMPACT_ATOMS: atom_id res chain seq x y z
N LYS A 1 21.93 17.16 8.77
CA LYS A 1 20.71 16.72 9.46
C LYS A 1 19.92 15.74 8.59
N HIS A 2 18.64 16.10 8.30
CA HIS A 2 17.79 15.36 7.37
C HIS A 2 17.57 16.18 6.11
N SER A 3 18.63 16.41 5.31
CA SER A 3 18.56 17.40 4.25
C SER A 3 19.31 16.91 3.01
N SER A 4 19.35 17.79 2.00
CA SER A 4 19.90 17.51 0.68
C SER A 4 20.04 18.82 -0.11
N ASP A 5 20.95 18.79 -1.08
CA ASP A 5 21.07 19.92 -2.00
C ASP A 5 19.89 19.98 -2.96
N ILE A 6 19.62 18.87 -3.64
CA ILE A 6 18.57 18.78 -4.65
C ILE A 6 17.63 17.67 -4.23
N CYS A 7 16.34 17.88 -4.49
CA CYS A 7 15.35 16.87 -4.19
C CYS A 7 14.44 16.67 -5.38
N ILE A 8 14.35 15.44 -5.86
CA ILE A 8 13.36 15.05 -6.85
C ILE A 8 12.29 14.21 -6.18
N VAL A 9 11.04 14.60 -6.37
CA VAL A 9 9.89 13.85 -5.88
C VAL A 9 9.21 13.18 -7.06
N GLY A 10 9.21 11.85 -7.09
CA GLY A 10 8.54 11.10 -8.13
C GLY A 10 9.61 10.28 -8.79
N ALA A 11 9.38 8.97 -8.87
CA ALA A 11 10.32 8.08 -9.52
C ALA A 11 9.69 7.34 -10.71
N GLY A 12 8.80 7.99 -11.41
CA GLY A 12 8.50 7.60 -12.76
C GLY A 12 9.66 7.91 -13.70
N ILE A 13 9.48 7.52 -14.96
CA ILE A 13 10.52 7.73 -15.96
C ILE A 13 10.89 9.21 -16.06
N SER A 14 9.96 10.11 -15.75
CA SER A 14 10.33 11.52 -15.68
C SER A 14 11.36 11.81 -14.60
N GLY A 15 10.96 11.79 -13.33
CA GLY A 15 11.88 12.19 -12.28
C GLY A 15 13.14 11.34 -12.27
N LEU A 16 13.01 10.05 -12.58
CA LEU A 16 14.18 9.20 -12.65
C LEU A 16 15.13 9.69 -13.71
N THR A 17 14.59 10.09 -14.88
CA THR A 17 15.42 10.68 -15.94
C THR A 17 15.96 12.05 -15.55
N CYS A 18 15.15 12.89 -14.90
CA CYS A 18 15.68 14.15 -14.37
C CYS A 18 16.95 13.90 -13.60
N ALA A 19 16.95 12.87 -12.75
CA ALA A 19 18.13 12.65 -11.93
C ALA A 19 19.32 12.30 -12.80
N SER A 20 19.11 11.51 -13.87
CA SER A 20 20.29 11.14 -14.66
C SER A 20 20.86 12.37 -15.39
N HIS A 21 19.99 13.18 -15.99
CA HIS A 21 20.44 14.38 -16.69
C HIS A 21 21.05 15.40 -15.74
N LEU A 22 21.05 15.12 -14.45
CA LEU A 22 21.64 16.01 -13.44
C LEU A 22 22.95 15.48 -12.90
N LEU A 23 22.99 14.23 -12.44
CA LEU A 23 24.26 13.62 -12.10
C LEU A 23 25.22 13.60 -13.29
N ASP A 24 24.69 13.66 -14.51
CA ASP A 24 25.54 13.61 -15.69
C ASP A 24 26.50 14.80 -15.75
N SER A 25 26.05 16.01 -15.27
CA SER A 25 26.61 17.35 -15.32
C SER A 25 27.59 17.57 -14.16
N PRO A 26 28.74 18.21 -14.45
CA PRO A 26 29.70 18.48 -13.38
C PRO A 26 29.25 19.62 -12.49
N ALA A 27 28.29 20.44 -12.94
CA ALA A 27 27.70 21.52 -12.17
C ALA A 27 27.14 20.99 -10.86
N CYS A 28 27.06 19.67 -10.73
CA CYS A 28 26.49 19.00 -9.58
C CYS A 28 27.49 18.16 -8.80
N ARG A 29 28.77 18.12 -9.18
CA ARG A 29 29.76 17.36 -8.42
C ARG A 29 29.68 17.74 -6.95
N GLY A 30 29.59 16.73 -6.09
CA GLY A 30 29.49 16.94 -4.65
C GLY A 30 28.09 17.09 -4.06
N LEU A 31 27.18 17.73 -4.80
CA LEU A 31 25.84 18.01 -4.28
C LEU A 31 25.06 16.72 -4.10
N SER A 32 24.35 16.63 -2.97
CA SER A 32 23.60 15.44 -2.64
CA SER A 32 23.59 15.44 -2.64
C SER A 32 22.22 15.47 -3.28
N LEU A 33 21.74 14.30 -3.64
CA LEU A 33 20.44 14.17 -4.25
C LEU A 33 19.62 13.16 -3.46
N ARG A 34 18.40 13.53 -3.12
CA ARG A 34 17.45 12.63 -2.47
C ARG A 34 16.18 12.56 -3.31
N ILE A 35 15.68 11.34 -3.52
CA ILE A 35 14.49 11.11 -4.34
C ILE A 35 13.42 10.39 -3.50
N PHE A 36 12.22 10.95 -3.46
CA PHE A 36 11.07 10.37 -2.81
C PHE A 36 10.07 9.81 -3.81
N ASP A 37 9.24 8.86 -3.35
CA ASP A 37 8.10 8.34 -4.12
C ASP A 37 7.12 7.58 -3.24
N MET A 38 5.82 7.86 -3.37
CA MET A 38 4.81 7.17 -2.57
C MET A 38 4.98 5.66 -2.65
N GLN A 39 5.02 5.12 -3.86
CA GLN A 39 5.08 3.68 -4.06
C GLN A 39 6.38 3.13 -3.49
N GLN A 40 6.36 1.85 -3.14
CA GLN A 40 7.57 1.21 -2.64
C GLN A 40 8.49 0.75 -3.77
N GLU A 41 7.97 0.69 -4.99
CA GLU A 41 8.67 0.36 -6.21
C GLU A 41 8.83 1.60 -7.08
N ALA A 42 9.84 1.60 -7.94
CA ALA A 42 9.99 2.74 -8.85
C ALA A 42 9.33 2.47 -10.20
N GLY A 43 8.83 3.53 -10.81
CA GLY A 43 8.37 3.45 -12.18
C GLY A 43 7.02 4.08 -12.42
N GLY A 44 6.31 4.45 -11.38
CA GLY A 44 5.06 5.17 -11.54
C GLY A 44 4.03 4.39 -12.36
N ARG A 45 3.58 4.99 -13.47
CA ARG A 45 2.66 4.35 -14.40
C ARG A 45 3.31 3.30 -15.28
N ILE A 46 4.50 2.83 -14.92
CA ILE A 46 5.19 1.74 -15.60
C ILE A 46 5.33 0.64 -14.57
N ARG A 47 4.50 -0.39 -14.69
CA ARG A 47 4.54 -1.52 -13.77
C ARG A 47 4.43 -2.78 -14.60
N SER A 48 5.41 -3.69 -14.48
CA SER A 48 5.39 -4.96 -15.20
C SER A 48 5.38 -6.12 -14.21
N LYS A 49 4.61 -7.17 -14.51
CA LYS A 49 4.50 -8.33 -13.64
CA LYS A 49 4.43 -8.34 -13.67
C LYS A 49 4.85 -9.60 -14.41
N MET A 50 4.89 -10.72 -13.68
CA MET A 50 5.00 -12.05 -14.24
C MET A 50 3.74 -12.79 -13.78
N LEU A 51 2.95 -13.30 -14.74
CA LEU A 51 1.54 -13.67 -14.54
C LEU A 51 1.43 -15.11 -14.04
N ASP A 52 1.49 -15.28 -12.72
CA ASP A 52 1.54 -16.61 -12.10
C ASP A 52 2.70 -17.42 -12.69
N GLY A 53 3.91 -16.91 -12.49
CA GLY A 53 5.06 -17.45 -13.20
C GLY A 53 4.93 -17.06 -14.66
N LYS A 54 5.13 -18.02 -15.56
CA LYS A 54 4.84 -17.88 -16.99
C LYS A 54 5.66 -16.71 -17.56
N ALA A 55 5.02 -15.72 -18.21
CA ALA A 55 5.70 -14.63 -18.91
C ALA A 55 5.29 -13.26 -18.37
N SER A 56 5.98 -12.24 -18.91
CA SER A 56 5.91 -10.86 -18.43
C SER A 56 4.76 -10.09 -19.10
N ILE A 57 3.91 -9.47 -18.27
CA ILE A 57 2.80 -8.64 -18.74
C ILE A 57 2.99 -7.20 -18.24
N GLU A 58 2.16 -6.29 -18.76
CA GLU A 58 2.41 -4.85 -18.69
C GLU A 58 1.14 -4.12 -18.24
N LEU A 59 1.01 -3.90 -16.92
CA LEU A 59 -0.19 -3.25 -16.40
C LEU A 59 -0.29 -1.77 -16.77
N GLY A 60 0.77 -1.16 -17.26
CA GLY A 60 0.74 0.23 -17.68
C GLY A 60 1.21 0.34 -19.11
N ALA A 61 2.24 1.13 -19.36
CA ALA A 61 2.71 1.35 -20.70
C ALA A 61 3.08 0.05 -21.34
N GLY A 62 2.77 -0.11 -22.61
CA GLY A 62 3.12 -1.34 -23.29
C GLY A 62 3.81 -1.31 -24.61
N ARG A 63 3.85 -0.16 -25.26
CA ARG A 63 4.48 -0.08 -26.55
C ARG A 63 4.99 1.27 -26.90
N TYR A 64 5.92 1.29 -27.83
CA TYR A 64 6.47 2.53 -28.35
C TYR A 64 6.67 2.39 -29.85
N SER A 65 6.82 3.54 -30.51
CA SER A 65 7.09 3.59 -31.94
C SER A 65 8.38 4.37 -32.22
N PRO A 66 9.41 3.73 -32.79
CA PRO A 66 10.64 4.48 -33.09
C PRO A 66 10.37 5.68 -33.97
N GLN A 67 9.34 5.60 -34.81
CA GLN A 67 8.98 6.72 -35.68
C GLN A 67 8.39 7.87 -34.87
N LEU A 68 7.43 7.57 -33.99
CA LEU A 68 6.78 8.62 -33.20
C LEU A 68 7.64 9.09 -32.04
N HIS A 69 8.25 8.15 -31.31
CA HIS A 69 8.98 8.41 -30.07
C HIS A 69 10.45 8.09 -30.24
N PRO A 70 11.22 9.00 -30.85
CA PRO A 70 12.64 8.71 -31.10
C PRO A 70 13.49 8.71 -29.85
N HIS A 71 13.15 9.52 -28.84
CA HIS A 71 14.00 9.58 -27.65
C HIS A 71 13.84 8.35 -26.78
N PHE A 72 12.61 7.83 -26.67
CA PHE A 72 12.41 6.61 -25.92
C PHE A 72 13.19 5.47 -26.55
N GLN A 73 13.26 5.44 -27.89
CA GLN A 73 14.07 4.44 -28.58
C GLN A 73 15.56 4.59 -28.23
N SER A 74 16.05 5.83 -28.03
CA SER A 74 17.45 5.94 -27.61
C SER A 74 17.65 5.56 -26.17
N ALA A 75 16.65 5.81 -25.31
CA ALA A 75 16.80 5.36 -23.94
C ALA A 75 16.78 3.84 -23.86
N MET A 76 15.98 3.19 -24.71
CA MET A 76 15.99 1.73 -24.76
C MET A 76 17.37 1.22 -25.12
N GLN A 77 17.95 1.73 -26.23
CA GLN A 77 19.28 1.30 -26.63
CA GLN A 77 19.29 1.32 -26.64
C GLN A 77 20.35 1.76 -25.63
N HIS A 78 20.21 2.98 -25.09
CA HIS A 78 21.17 3.49 -24.12
C HIS A 78 21.35 2.52 -22.95
N TYR A 79 20.25 2.11 -22.33
CA TYR A 79 20.33 1.14 -21.26
C TYR A 79 20.24 -0.30 -21.79
N SER A 80 20.38 -0.45 -23.09
CA SER A 80 20.47 -1.74 -23.80
C SER A 80 19.40 -2.73 -23.34
N GLN A 81 18.15 -2.31 -23.53
CA GLN A 81 16.97 -3.14 -23.33
C GLN A 81 16.50 -3.63 -24.69
N LYS A 82 16.43 -4.95 -24.85
CA LYS A 82 15.91 -5.51 -26.09
C LYS A 82 14.42 -5.25 -26.25
N SER A 83 14.02 -4.87 -27.46
CA SER A 83 12.64 -4.76 -27.88
C SER A 83 12.18 -6.01 -28.61
N GLU A 84 10.91 -6.00 -28.95
CA GLU A 84 10.32 -7.04 -29.78
C GLU A 84 9.22 -6.40 -30.62
N VAL A 85 8.89 -7.06 -31.73
CA VAL A 85 7.82 -6.53 -32.57
C VAL A 85 6.49 -6.67 -31.83
N TYR A 86 5.75 -5.56 -31.79
CA TYR A 86 4.43 -5.48 -31.17
C TYR A 86 3.38 -5.99 -32.13
N PRO A 87 2.65 -7.08 -31.79
CA PRO A 87 1.84 -7.81 -32.79
C PRO A 87 0.52 -7.14 -33.20
N PHE A 88 -0.05 -6.32 -32.31
CA PHE A 88 -1.44 -5.89 -32.46
C PHE A 88 -1.58 -4.61 -33.29
N THR A 89 -1.13 -4.66 -34.55
CA THR A 89 -1.12 -3.42 -35.33
C THR A 89 -2.28 -3.29 -36.31
N GLN A 90 -3.06 -4.33 -36.53
CA GLN A 90 -4.29 -4.15 -37.32
C GLN A 90 -5.22 -5.34 -37.07
N LEU A 91 -6.21 -5.51 -37.95
CA LEU A 91 -7.47 -6.20 -37.66
C LEU A 91 -7.76 -7.21 -38.77
N LYS A 92 -7.84 -8.49 -38.40
CA LYS A 92 -8.32 -9.53 -39.31
C LYS A 92 -9.83 -9.57 -39.33
N PHE A 93 -10.44 -9.82 -38.17
CA PHE A 93 -11.86 -10.08 -38.02
C PHE A 93 -12.65 -8.76 -38.03
N LYS A 94 -12.46 -7.97 -39.09
CA LYS A 94 -13.19 -6.71 -39.26
C LYS A 94 -14.68 -6.95 -39.51
N SER A 95 -15.52 -6.34 -38.69
CA SER A 95 -16.96 -6.39 -38.87
C SER A 95 -17.34 -5.52 -40.06
N HIS A 96 -18.66 -5.32 -40.25
CA HIS A 96 -19.14 -4.44 -41.31
C HIS A 96 -18.64 -3.01 -41.11
N VAL A 97 -18.78 -2.49 -39.88
CA VAL A 97 -18.56 -1.06 -39.62
C VAL A 97 -17.07 -0.70 -39.58
N GLN A 98 -16.19 -1.59 -39.12
CA GLN A 98 -14.75 -1.27 -39.12
C GLN A 98 -14.08 -1.67 -40.42
N GLN A 99 -14.83 -1.59 -41.51
CA GLN A 99 -14.30 -1.56 -42.85
C GLN A 99 -14.55 -0.23 -43.54
N LYS A 100 -15.62 0.47 -43.17
CA LYS A 100 -15.94 1.81 -43.67
C LYS A 100 -15.16 2.92 -42.98
N LEU A 101 -14.42 2.61 -41.90
CA LEU A 101 -13.70 3.66 -41.15
C LEU A 101 -12.74 4.43 -42.05
N LYS A 102 -12.01 3.70 -42.90
CA LYS A 102 -10.95 4.31 -43.69
C LYS A 102 -11.54 5.15 -44.82
N ARG A 103 -12.54 4.62 -45.51
CA ARG A 103 -13.18 5.36 -46.60
C ARG A 103 -13.87 6.61 -46.10
N ALA A 104 -14.46 6.54 -44.91
CA ALA A 104 -15.15 7.68 -44.31
C ALA A 104 -14.16 8.76 -43.90
N MET A 105 -13.37 8.50 -42.86
CA MET A 105 -12.56 9.55 -42.25
C MET A 105 -11.47 10.08 -43.17
N ASN A 106 -11.15 9.36 -44.26
CA ASN A 106 -10.24 9.91 -45.27
C ASN A 106 -10.89 11.06 -46.04
N GLU A 107 -12.15 10.88 -46.43
CA GLU A 107 -12.95 11.92 -47.06
C GLU A 107 -13.76 12.74 -46.05
N LEU A 108 -13.79 12.32 -44.78
CA LEU A 108 -14.35 13.12 -43.70
C LEU A 108 -13.36 14.09 -43.09
N SER A 109 -12.38 14.59 -43.86
CA SER A 109 -11.56 15.68 -43.37
C SER A 109 -11.69 16.95 -44.22
N PRO A 110 -12.91 17.36 -44.68
CA PRO A 110 -13.01 18.62 -45.42
C PRO A 110 -13.14 19.80 -44.47
N ARG A 111 -13.82 19.58 -43.34
CA ARG A 111 -14.05 20.62 -42.34
C ARG A 111 -13.11 20.49 -41.16
N LEU A 112 -11.91 19.93 -41.36
CA LEU A 112 -10.93 19.89 -40.28
C LEU A 112 -10.54 21.30 -39.83
N LYS A 113 -10.53 22.25 -40.76
CA LYS A 113 -10.29 23.67 -40.45
C LYS A 113 -11.43 24.57 -40.93
N GLU A 114 -12.60 23.98 -41.21
CA GLU A 114 -13.78 24.73 -41.64
C GLU A 114 -14.84 24.81 -40.54
N HIS A 115 -15.18 23.69 -39.89
CA HIS A 115 -15.89 23.75 -38.63
C HIS A 115 -14.96 24.15 -37.49
N GLY A 116 -13.80 23.50 -37.39
CA GLY A 116 -12.79 23.87 -36.41
C GLY A 116 -12.79 23.09 -35.12
N LYS A 117 -12.56 23.82 -34.00
CA LYS A 117 -12.39 23.32 -32.63
C LYS A 117 -13.65 22.65 -32.05
N GLU A 118 -14.67 22.31 -32.86
CA GLU A 118 -15.86 21.66 -32.36
C GLU A 118 -15.51 20.32 -31.71
N SER A 119 -16.28 19.94 -30.68
CA SER A 119 -16.13 18.62 -30.08
C SER A 119 -16.24 17.56 -31.16
N PHE A 120 -15.57 16.43 -30.96
CA PHE A 120 -15.34 15.53 -32.08
C PHE A 120 -16.56 14.69 -32.42
N LEU A 121 -17.45 14.44 -31.47
CA LEU A 121 -18.67 13.71 -31.84
C LEU A 121 -19.61 14.62 -32.63
N GLN A 122 -19.69 15.89 -32.27
CA GLN A 122 -20.54 16.80 -33.04
C GLN A 122 -19.90 17.26 -34.34
N PHE A 123 -18.66 16.86 -34.63
CA PHE A 123 -18.07 17.10 -35.94
C PHE A 123 -18.44 15.96 -36.91
N VAL A 124 -18.03 14.73 -36.58
CA VAL A 124 -18.35 13.57 -37.41
C VAL A 124 -19.85 13.36 -37.55
N SER A 125 -20.64 13.92 -36.63
CA SER A 125 -22.09 13.75 -36.68
C SER A 125 -22.79 14.74 -37.60
N ARG A 126 -22.08 15.75 -38.13
CA ARG A 126 -22.67 16.77 -38.99
C ARG A 126 -22.62 16.41 -40.47
N TYR A 127 -22.07 15.24 -40.83
CA TYR A 127 -21.96 14.80 -42.23
C TYR A 127 -22.48 13.39 -42.46
N GLN A 128 -22.20 12.46 -41.56
CA GLN A 128 -22.97 11.22 -41.45
C GLN A 128 -24.02 11.44 -40.37
N GLY A 129 -24.92 10.46 -40.16
CA GLY A 129 -25.95 10.63 -39.14
C GLY A 129 -25.44 10.37 -37.72
N HIS A 130 -26.16 10.88 -36.71
CA HIS A 130 -25.76 10.66 -35.32
C HIS A 130 -25.91 9.21 -34.92
N ASP A 131 -27.10 8.62 -35.09
CA ASP A 131 -27.29 7.20 -34.85
C ASP A 131 -26.39 6.36 -35.75
N SER A 132 -25.60 7.00 -36.61
CA SER A 132 -24.56 6.35 -37.40
C SER A 132 -23.17 6.92 -37.16
N ALA A 133 -23.04 7.97 -36.35
CA ALA A 133 -21.71 8.43 -35.92
C ALA A 133 -21.30 7.76 -34.61
N VAL A 134 -22.25 7.52 -33.71
CA VAL A 134 -22.03 6.72 -32.51
C VAL A 134 -21.70 5.27 -32.85
N GLY A 135 -21.93 4.84 -34.08
CA GLY A 135 -21.55 3.52 -34.50
C GLY A 135 -20.17 3.46 -35.12
N MET A 136 -19.77 4.54 -35.81
CA MET A 136 -18.45 4.58 -36.44
C MET A 136 -17.35 4.82 -35.41
N ILE A 137 -17.61 5.70 -34.43
CA ILE A 137 -16.65 5.94 -33.36
C ILE A 137 -16.52 4.71 -32.46
N ARG A 138 -17.64 4.23 -31.91
CA ARG A 138 -17.59 3.12 -30.96
C ARG A 138 -16.97 1.86 -31.55
N SER A 139 -16.75 1.81 -32.87
CA SER A 139 -16.05 0.70 -33.50
C SER A 139 -14.56 0.95 -33.65
N MET A 140 -14.04 2.00 -33.01
CA MET A 140 -12.61 2.25 -32.96
C MET A 140 -11.98 1.83 -31.64
N GLY A 141 -12.76 1.74 -30.57
CA GLY A 141 -12.36 1.05 -29.35
C GLY A 141 -12.01 1.96 -28.18
N TYR A 142 -11.64 3.20 -28.44
CA TYR A 142 -11.29 4.15 -27.40
C TYR A 142 -12.48 5.06 -27.13
N ASP A 143 -13.01 5.00 -25.92
CA ASP A 143 -14.15 5.83 -25.54
C ASP A 143 -13.73 7.23 -25.15
N ALA A 144 -12.43 7.53 -25.23
CA ALA A 144 -11.93 8.90 -25.08
C ALA A 144 -12.52 9.84 -26.10
N LEU A 145 -13.10 9.30 -27.18
CA LEU A 145 -13.49 10.05 -28.37
C LEU A 145 -14.94 10.53 -28.31
N PHE A 146 -15.61 10.40 -27.16
CA PHE A 146 -17.00 10.83 -26.98
C PHE A 146 -17.14 11.99 -25.99
N LEU A 147 -16.07 12.73 -25.72
CA LEU A 147 -16.07 13.62 -24.56
C LEU A 147 -16.13 15.10 -24.94
N PRO A 148 -16.70 15.93 -24.05
CA PRO A 148 -16.81 17.37 -24.33
C PRO A 148 -15.48 18.09 -24.49
N ASP A 149 -14.50 17.81 -23.62
CA ASP A 149 -13.26 18.60 -23.63
C ASP A 149 -12.43 18.31 -24.88
N ILE A 150 -12.28 17.03 -25.25
CA ILE A 150 -11.52 16.71 -26.45
C ILE A 150 -12.29 17.19 -27.67
N SER A 151 -11.56 17.63 -28.67
CA SER A 151 -12.11 18.32 -29.82
C SER A 151 -11.87 17.50 -31.09
N ALA A 152 -12.34 18.01 -32.23
CA ALA A 152 -12.27 17.27 -33.48
C ALA A 152 -10.86 17.20 -34.04
N GLU A 153 -10.06 18.25 -33.85
CA GLU A 153 -8.66 18.21 -34.27
C GLU A 153 -7.80 17.48 -33.25
N MET A 154 -8.13 17.55 -31.96
CA MET A 154 -7.45 16.72 -30.97
C MET A 154 -7.71 15.24 -31.22
N ALA A 155 -8.91 14.88 -31.71
CA ALA A 155 -9.34 13.48 -31.78
C ALA A 155 -8.84 12.70 -32.99
N TYR A 156 -8.39 13.38 -34.05
CA TYR A 156 -7.79 12.64 -35.18
C TYR A 156 -6.33 12.32 -34.90
N ASP A 157 -5.67 13.15 -34.09
CA ASP A 157 -4.31 12.83 -33.63
C ASP A 157 -4.29 11.56 -32.78
N ILE A 158 -5.35 11.30 -32.02
CA ILE A 158 -5.39 10.07 -31.23
C ILE A 158 -5.61 8.85 -32.13
N VAL A 159 -6.34 9.00 -33.23
CA VAL A 159 -6.56 7.86 -34.11
C VAL A 159 -5.27 7.45 -34.82
N GLY A 160 -4.48 8.42 -35.29
CA GLY A 160 -3.32 8.10 -36.10
C GLY A 160 -2.14 7.58 -35.30
N LYS A 161 -2.07 7.92 -34.01
CA LYS A 161 -0.91 7.60 -33.18
C LYS A 161 -1.18 6.45 -32.19
N HIS A 162 -2.22 5.65 -32.41
CA HIS A 162 -2.49 4.43 -31.63
C HIS A 162 -2.46 3.19 -32.52
N PRO A 163 -1.72 2.15 -32.12
CA PRO A 163 -1.38 1.08 -33.09
C PRO A 163 -2.55 0.33 -33.68
N GLU A 164 -3.64 0.14 -32.92
CA GLU A 164 -4.68 -0.79 -33.35
C GLU A 164 -5.61 -0.23 -34.44
N ILE A 165 -5.65 1.10 -34.61
CA ILE A 165 -6.53 1.70 -35.61
C ILE A 165 -5.83 2.84 -36.34
N GLN A 166 -4.50 2.78 -36.43
CA GLN A 166 -3.82 3.78 -37.24
C GLN A 166 -3.97 3.51 -38.73
N SER A 167 -4.29 2.28 -39.15
CA SER A 167 -4.54 2.00 -40.55
C SER A 167 -5.70 2.82 -41.13
N VAL A 168 -6.38 3.60 -40.29
CA VAL A 168 -7.44 4.54 -40.68
C VAL A 168 -6.83 5.92 -40.93
N THR A 169 -5.57 5.93 -41.40
CA THR A 169 -4.83 7.16 -41.71
C THR A 169 -3.75 6.80 -42.71
N ASP A 170 -2.98 7.81 -43.13
CA ASP A 170 -1.74 7.60 -43.88
C ASP A 170 -0.62 7.22 -42.91
N ASN A 171 -1.00 6.57 -41.80
CA ASN A 171 -0.08 6.34 -40.68
C ASN A 171 0.15 4.85 -40.42
N ASP A 172 0.56 4.10 -41.44
CA ASP A 172 1.12 2.76 -41.23
C ASP A 172 2.63 2.76 -41.44
N ALA A 173 3.20 3.92 -41.81
CA ALA A 173 4.63 4.16 -41.72
C ALA A 173 5.16 3.94 -40.31
N ASN A 174 4.26 3.78 -39.33
CA ASN A 174 4.64 3.59 -37.94
C ASN A 174 4.71 2.11 -37.59
N GLN A 175 5.89 1.66 -37.20
CA GLN A 175 6.10 0.38 -36.55
C GLN A 175 5.95 0.55 -35.05
N TRP A 176 5.65 -0.58 -34.37
CA TRP A 176 5.44 -0.58 -32.92
C TRP A 176 6.20 -1.72 -32.26
N PHE A 177 6.81 -1.41 -31.11
CA PHE A 177 7.59 -2.38 -30.35
C PHE A 177 7.16 -2.34 -28.89
N ALA A 178 7.39 -3.46 -28.21
CA ALA A 178 7.30 -3.57 -26.76
C ALA A 178 8.62 -4.06 -26.20
N ALA A 179 8.85 -3.79 -24.92
CA ALA A 179 10.08 -4.26 -24.28
C ALA A 179 10.03 -5.77 -24.13
N GLU A 180 11.16 -6.42 -24.43
CA GLU A 180 11.20 -7.87 -24.37
C GLU A 180 10.94 -8.37 -22.96
N THR A 181 11.44 -7.65 -21.96
CA THR A 181 11.31 -8.07 -20.57
C THR A 181 10.44 -7.10 -19.79
N GLY A 182 9.72 -6.23 -20.46
CA GLY A 182 9.01 -5.26 -19.68
C GLY A 182 9.79 -3.96 -19.55
N PHE A 183 9.05 -2.85 -19.54
CA PHE A 183 9.65 -1.54 -19.32
C PHE A 183 10.24 -1.43 -17.92
N ALA A 184 9.82 -2.29 -16.99
CA ALA A 184 10.50 -2.42 -15.71
C ALA A 184 12.00 -2.51 -15.87
N GLY A 185 12.47 -3.16 -16.93
CA GLY A 185 13.90 -3.27 -17.15
C GLY A 185 14.53 -1.94 -17.48
N LEU A 186 13.83 -1.09 -18.21
CA LEU A 186 14.37 0.24 -18.47
C LEU A 186 14.45 1.01 -17.17
N ILE A 187 13.36 1.00 -16.40
CA ILE A 187 13.34 1.75 -15.15
C ILE A 187 14.43 1.26 -14.21
N GLN A 188 14.60 -0.06 -14.11
CA GLN A 188 15.65 -0.56 -13.22
CA GLN A 188 15.64 -0.58 -13.23
C GLN A 188 17.02 -0.14 -13.71
N GLY A 189 17.23 -0.10 -15.03
CA GLY A 189 18.47 0.42 -15.59
C GLY A 189 18.79 1.84 -15.15
N ILE A 190 17.88 2.77 -15.39
CA ILE A 190 18.06 4.13 -14.91
C ILE A 190 18.27 4.15 -13.38
N LYS A 191 17.39 3.47 -12.62
CA LYS A 191 17.53 3.48 -11.16
C LYS A 191 18.95 3.10 -10.76
N ALA A 192 19.52 2.10 -11.44
CA ALA A 192 20.85 1.65 -11.08
C ALA A 192 21.88 2.75 -11.36
N LYS A 193 21.84 3.35 -12.55
CA LYS A 193 22.75 4.45 -12.86
C LYS A 193 22.74 5.55 -11.79
N VAL A 194 21.57 5.90 -11.30
CA VAL A 194 21.43 7.02 -10.37
C VAL A 194 21.88 6.67 -8.93
N LYS A 195 21.54 5.47 -8.43
CA LYS A 195 22.15 5.03 -7.16
C LYS A 195 23.67 5.05 -7.27
N ALA A 196 24.18 4.73 -8.46
CA ALA A 196 25.61 4.53 -8.63
C ALA A 196 26.34 5.86 -8.62
N ALA A 197 25.74 6.88 -9.18
CA ALA A 197 26.24 8.24 -9.06
C ALA A 197 25.91 8.86 -7.71
N GLY A 198 25.38 8.06 -6.79
CA GLY A 198 25.30 8.44 -5.40
C GLY A 198 24.05 9.16 -4.96
N ALA A 199 22.99 9.14 -5.75
CA ALA A 199 21.71 9.59 -5.20
C ALA A 199 21.21 8.63 -4.13
N ARG A 200 20.33 9.13 -3.28
CA ARG A 200 19.78 8.36 -2.16
CA ARG A 200 19.78 8.33 -2.18
C ARG A 200 18.26 8.31 -2.30
N PHE A 201 17.71 7.11 -2.45
CA PHE A 201 16.27 6.88 -2.61
C PHE A 201 15.55 6.72 -1.27
N SER A 202 14.31 7.20 -1.22
CA SER A 202 13.43 7.09 -0.05
C SER A 202 12.03 6.73 -0.58
N LEU A 203 11.85 5.49 -0.96
CA LEU A 203 10.56 5.04 -1.48
C LEU A 203 9.63 4.70 -0.32
N GLY A 204 8.35 4.85 -0.55
CA GLY A 204 7.37 4.65 0.48
C GLY A 204 6.84 5.94 1.08
N TYR A 205 7.58 7.04 0.96
CA TYR A 205 7.18 8.32 1.57
C TYR A 205 6.43 9.18 0.57
N ARG A 206 5.30 9.74 0.99
CA ARG A 206 4.48 10.63 0.16
C ARG A 206 4.50 12.06 0.66
N LEU A 207 4.63 13.00 -0.28
CA LEU A 207 4.70 14.42 0.03
C LEU A 207 3.32 15.02 0.27
N LEU A 208 3.19 15.81 1.36
CA LEU A 208 1.93 16.47 1.73
C LEU A 208 2.00 18.00 1.71
N SER A 209 3.17 18.58 1.93
CA SER A 209 3.26 20.00 2.26
C SER A 209 4.62 20.48 1.81
N VAL A 210 4.67 21.72 1.31
CA VAL A 210 5.91 22.42 1.03
C VAL A 210 5.80 23.85 1.54
N ARG A 211 6.73 24.26 2.38
CA ARG A 211 6.93 25.68 2.68
C ARG A 211 8.31 26.08 2.18
N THR A 212 8.43 27.31 1.67
CA THR A 212 9.73 27.87 1.36
C THR A 212 10.31 28.47 2.64
N ASP A 213 11.52 28.04 3.01
CA ASP A 213 12.21 28.59 4.18
C ASP A 213 13.59 29.06 3.70
N GLY A 214 13.71 30.34 3.38
CA GLY A 214 15.00 30.92 3.06
C GLY A 214 15.49 30.50 1.70
N ASP A 215 16.71 29.96 1.67
CA ASP A 215 17.33 29.65 0.38
C ASP A 215 16.62 28.50 -0.30
N GLY A 216 16.11 27.56 0.48
CA GLY A 216 15.48 26.38 -0.07
C GLY A 216 14.06 26.13 0.38
N TYR A 217 13.74 24.86 0.58
CA TYR A 217 12.36 24.40 0.72
C TYR A 217 12.30 23.37 1.83
N LEU A 218 11.21 23.39 2.59
CA LEU A 218 10.97 22.45 3.69
C LEU A 218 9.78 21.57 3.32
N LEU A 219 10.03 20.27 3.15
CA LEU A 219 8.99 19.34 2.72
C LEU A 219 8.52 18.49 3.89
N GLN A 220 7.21 18.28 3.96
CA GLN A 220 6.59 17.42 4.95
C GLN A 220 6.13 16.16 4.26
N LEU A 221 6.71 15.02 4.62
CA LEU A 221 6.33 13.75 4.03
C LEU A 221 5.83 12.74 5.06
N ALA A 222 5.00 11.82 4.58
CA ALA A 222 4.34 10.80 5.40
C ALA A 222 4.67 9.42 4.84
N GLY A 223 5.57 8.71 5.50
CA GLY A 223 5.90 7.36 5.10
C GLY A 223 4.66 6.53 5.07
N ASP A 224 4.74 5.38 4.40
CA ASP A 224 3.49 4.64 4.23
C ASP A 224 3.10 3.85 5.47
N ASP A 225 3.90 3.88 6.52
CA ASP A 225 3.56 3.23 7.77
C ASP A 225 3.35 4.25 8.88
N GLY A 226 2.85 5.42 8.54
CA GLY A 226 2.55 6.44 9.50
C GLY A 226 3.69 7.40 9.84
N TRP A 227 4.95 6.99 9.65
CA TRP A 227 6.08 7.81 10.13
C TRP A 227 6.17 9.08 9.33
N LYS A 228 6.06 10.22 10.00
CA LYS A 228 6.26 11.49 9.34
C LYS A 228 7.75 11.86 9.38
N LEU A 229 8.13 12.81 8.55
CA LEU A 229 9.51 13.27 8.49
C LEU A 229 9.56 14.53 7.65
N GLU A 230 10.63 15.30 7.84
CA GLU A 230 10.81 16.52 7.07
C GLU A 230 12.16 16.50 6.38
N HIS A 231 12.20 17.11 5.20
CA HIS A 231 13.41 17.25 4.40
C HIS A 231 13.54 18.71 3.99
N ARG A 232 14.73 19.26 4.23
CA ARG A 232 15.06 20.55 3.64
C ARG A 232 15.94 20.29 2.42
N THR A 233 15.55 20.88 1.30
CA THR A 233 16.33 20.80 0.08
C THR A 233 16.49 22.21 -0.48
N ARG A 234 17.61 22.46 -1.16
CA ARG A 234 17.80 23.79 -1.74
C ARG A 234 17.16 23.91 -3.10
N HIS A 235 17.03 22.82 -3.83
CA HIS A 235 16.41 22.86 -5.14
C HIS A 235 15.50 21.66 -5.25
N LEU A 236 14.35 21.84 -5.90
CA LEU A 236 13.28 20.87 -5.76
C LEU A 236 12.53 20.69 -7.07
N ILE A 237 12.49 19.45 -7.55
CA ILE A 237 11.75 19.09 -8.76
C ILE A 237 10.55 18.26 -8.35
N LEU A 238 9.37 18.60 -8.87
CA LEU A 238 8.15 17.86 -8.56
C LEU A 238 7.72 17.08 -9.78
N ALA A 239 8.46 16.01 -10.08
CA ALA A 239 8.17 15.21 -11.27
C ALA A 239 7.03 14.23 -10.97
N ILE A 240 5.83 14.79 -10.92
CA ILE A 240 4.60 14.03 -10.66
C ILE A 240 3.54 14.55 -11.59
N PRO A 241 2.46 13.79 -11.78
CA PRO A 241 1.40 14.20 -12.72
C PRO A 241 0.63 15.40 -12.19
N PRO A 242 -0.10 16.10 -13.07
CA PRO A 242 -0.79 17.32 -12.64
C PRO A 242 -1.95 17.06 -11.67
N SER A 243 -2.56 15.88 -11.72
CA SER A 243 -3.49 15.53 -10.64
C SER A 243 -2.78 15.50 -9.30
N ALA A 244 -1.50 15.13 -9.30
CA ALA A 244 -0.75 15.09 -8.03
C ALA A 244 -0.49 16.48 -7.50
N MET A 245 -0.35 17.48 -8.38
CA MET A 245 -0.02 18.82 -7.93
C MET A 245 -1.16 19.49 -7.18
N ALA A 246 -2.41 19.20 -7.57
CA ALA A 246 -3.56 19.77 -6.90
C ALA A 246 -3.63 19.37 -5.42
N GLY A 247 -3.21 18.14 -5.09
CA GLY A 247 -3.17 17.71 -3.71
C GLY A 247 -2.36 18.60 -2.76
N LEU A 248 -1.49 19.47 -3.28
CA LEU A 248 -0.52 20.19 -2.46
C LEU A 248 -0.92 21.64 -2.20
N ASN A 249 -0.13 22.30 -1.37
CA ASN A 249 -0.30 23.71 -1.01
C ASN A 249 0.37 24.64 -2.02
N VAL A 250 0.22 24.41 -3.33
CA VAL A 250 1.10 25.11 -4.26
C VAL A 250 0.35 25.76 -5.43
N ASP A 251 -0.83 26.30 -5.15
CA ASP A 251 -1.53 27.19 -6.10
C ASP A 251 -1.50 26.61 -7.51
N PHE A 252 -2.01 25.39 -7.64
CA PHE A 252 -2.00 24.75 -8.96
C PHE A 252 -3.36 24.87 -9.59
N PRO A 253 -3.42 25.29 -10.87
CA PRO A 253 -2.24 25.62 -11.68
C PRO A 253 -1.97 27.11 -11.92
N GLU A 254 -2.54 27.98 -11.11
CA GLU A 254 -2.43 29.39 -11.38
C GLU A 254 -1.03 29.92 -11.41
N ALA A 255 -0.21 29.52 -10.46
CA ALA A 255 1.16 30.01 -10.40
C ALA A 255 2.11 29.43 -11.41
N TRP A 256 1.72 28.37 -12.08
CA TRP A 256 2.60 27.72 -13.02
C TRP A 256 2.36 28.00 -14.50
N SER A 257 1.12 28.02 -14.94
CA SER A 257 0.80 28.25 -16.34
C SER A 257 -0.69 28.49 -16.46
N GLY A 258 -1.05 29.42 -17.33
CA GLY A 258 -2.44 29.62 -17.69
C GLY A 258 -2.90 28.50 -18.60
N ALA A 259 -3.06 27.31 -18.03
CA ALA A 259 -3.64 26.17 -18.72
C ALA A 259 -4.49 25.41 -17.70
N ARG A 260 -5.45 24.66 -18.22
CA ARG A 260 -6.18 23.68 -17.44
C ARG A 260 -5.78 22.30 -17.92
N TYR A 261 -6.01 21.30 -17.06
CA TYR A 261 -5.58 19.93 -17.31
C TYR A 261 -6.72 18.97 -17.04
N GLY A 262 -6.73 17.88 -17.81
CA GLY A 262 -7.72 16.84 -17.67
C GLY A 262 -7.10 15.48 -17.43
N SER A 263 -7.99 14.49 -17.24
CA SER A 263 -7.54 13.13 -17.06
C SER A 263 -8.66 12.17 -17.42
N LEU A 264 -8.27 10.96 -17.84
CA LEU A 264 -9.19 9.88 -18.16
C LEU A 264 -8.75 8.60 -17.45
N PRO A 265 -9.68 7.82 -16.92
CA PRO A 265 -9.31 6.56 -16.29
C PRO A 265 -9.13 5.48 -17.33
N LEU A 266 -8.25 4.53 -17.01
CA LEU A 266 -8.04 3.35 -17.83
C LEU A 266 -8.13 2.11 -16.98
N PHE A 267 -8.36 0.98 -17.64
CA PHE A 267 -8.55 -0.29 -16.95
C PHE A 267 -7.97 -1.37 -17.85
N LYS A 268 -7.23 -2.31 -17.28
CA LYS A 268 -6.83 -3.51 -18.01
C LYS A 268 -7.01 -4.75 -17.15
N GLY A 269 -7.54 -5.80 -17.74
CA GLY A 269 -7.63 -7.08 -17.07
C GLY A 269 -6.96 -8.19 -17.87
N PHE A 270 -6.25 -9.05 -17.16
CA PHE A 270 -5.50 -10.13 -17.80
C PHE A 270 -6.04 -11.47 -17.35
N LEU A 271 -5.99 -12.45 -18.26
CA LEU A 271 -6.51 -13.78 -17.99
C LEU A 271 -5.63 -14.84 -18.63
N THR A 272 -5.16 -15.79 -17.81
CA THR A 272 -4.45 -16.94 -18.32
C THR A 272 -5.30 -18.18 -18.10
N TYR A 273 -5.01 -19.22 -18.86
CA TYR A 273 -5.84 -20.42 -18.87
C TYR A 273 -4.93 -21.64 -18.95
N GLY A 274 -5.49 -22.79 -18.54
CA GLY A 274 -4.76 -24.04 -18.59
C GLY A 274 -4.44 -24.44 -20.01
N GLU A 275 -5.42 -24.53 -20.80
CA GLU A 275 -5.18 -24.77 -22.20
C GLU A 275 -5.36 -23.48 -22.97
N PRO A 276 -4.64 -23.25 -23.87
CA PRO A 276 -4.74 -21.99 -24.63
C PRO A 276 -5.83 -22.08 -25.71
N TRP A 277 -7.07 -21.97 -25.28
CA TRP A 277 -8.19 -22.38 -26.12
C TRP A 277 -8.37 -21.51 -27.37
N TRP A 278 -7.99 -20.24 -27.32
CA TRP A 278 -8.36 -19.33 -28.40
C TRP A 278 -7.58 -19.58 -29.69
N LEU A 279 -6.78 -20.64 -29.79
CA LEU A 279 -6.05 -20.85 -31.03
C LEU A 279 -6.94 -21.50 -32.08
N ASP A 280 -7.96 -22.26 -31.64
CA ASP A 280 -8.92 -22.88 -32.55
C ASP A 280 -9.64 -21.87 -33.40
N TYR A 281 -9.53 -20.58 -33.07
CA TYR A 281 -10.23 -19.53 -33.77
C TYR A 281 -9.30 -18.66 -34.61
N LYS A 282 -8.04 -19.09 -34.77
CA LYS A 282 -7.01 -18.36 -35.50
C LYS A 282 -6.85 -16.93 -34.96
N LEU A 283 -6.85 -16.81 -33.62
CA LEU A 283 -6.77 -15.52 -32.90
C LEU A 283 -5.40 -15.28 -32.25
N ASP A 284 -4.36 -15.97 -32.70
CA ASP A 284 -3.00 -15.63 -32.30
C ASP A 284 -2.72 -14.15 -32.52
N ASP A 285 -1.97 -13.58 -31.58
CA ASP A 285 -1.34 -12.28 -31.75
C ASP A 285 -2.26 -11.31 -32.50
N GLN A 286 -3.52 -11.28 -32.07
CA GLN A 286 -4.47 -10.46 -32.79
C GLN A 286 -5.46 -9.83 -31.83
N VAL A 287 -6.34 -9.00 -32.38
CA VAL A 287 -7.10 -8.06 -31.57
C VAL A 287 -8.43 -7.80 -32.23
N LEU A 288 -9.49 -7.76 -31.41
CA LEU A 288 -10.85 -7.55 -31.87
C LEU A 288 -11.41 -6.34 -31.15
N ILE A 289 -11.93 -5.39 -31.90
CA ILE A 289 -12.63 -4.26 -31.33
C ILE A 289 -14.12 -4.54 -31.45
N VAL A 290 -14.84 -4.44 -30.33
CA VAL A 290 -16.21 -4.90 -30.20
C VAL A 290 -17.10 -3.84 -29.57
N ASP A 291 -18.40 -3.95 -29.87
CA ASP A 291 -19.41 -3.07 -29.28
C ASP A 291 -19.64 -3.35 -27.80
N ASN A 292 -19.40 -4.58 -27.36
CA ASN A 292 -19.71 -4.98 -25.99
C ASN A 292 -18.68 -4.38 -25.01
N PRO A 293 -19.01 -4.38 -23.71
CA PRO A 293 -18.23 -3.58 -22.74
C PRO A 293 -16.75 -3.92 -22.61
N LEU A 294 -16.31 -5.03 -23.14
CA LEU A 294 -14.91 -5.37 -23.12
C LEU A 294 -14.07 -4.44 -23.97
N ARG A 295 -14.63 -3.99 -25.08
CA ARG A 295 -14.05 -3.02 -26.02
C ARG A 295 -12.86 -3.41 -26.88
N LYS A 296 -11.75 -3.73 -26.28
CA LYS A 296 -10.57 -4.13 -27.02
C LYS A 296 -10.14 -5.43 -26.43
N ILE A 297 -9.87 -6.42 -27.25
CA ILE A 297 -9.59 -7.76 -26.75
C ILE A 297 -8.35 -8.27 -27.43
N TYR A 298 -7.31 -8.56 -26.65
CA TYR A 298 -6.01 -8.91 -27.19
C TYR A 298 -5.61 -10.33 -26.80
N PHE A 299 -5.00 -11.04 -27.75
CA PHE A 299 -4.61 -12.44 -27.56
C PHE A 299 -3.10 -12.58 -27.77
N LYS A 300 -2.33 -12.64 -26.67
CA LYS A 300 -0.89 -12.67 -26.81
C LYS A 300 -0.43 -14.12 -26.99
N GLY A 301 -0.03 -14.45 -28.22
CA GLY A 301 0.53 -15.75 -28.50
C GLY A 301 -0.45 -16.79 -28.01
N ASP A 302 0.04 -17.71 -27.22
CA ASP A 302 -0.77 -18.76 -26.62
C ASP A 302 -0.55 -18.76 -25.11
N LYS A 303 -0.50 -17.56 -24.53
CA LYS A 303 -0.04 -17.42 -23.16
C LYS A 303 -1.02 -16.69 -22.28
N TYR A 304 -1.73 -15.71 -22.83
CA TYR A 304 -2.72 -15.00 -22.03
C TYR A 304 -3.51 -14.11 -22.97
N LEU A 305 -4.66 -13.66 -22.50
CA LEU A 305 -5.40 -12.64 -23.20
C LEU A 305 -5.68 -11.53 -22.22
N PHE A 306 -6.15 -10.42 -22.75
CA PHE A 306 -6.46 -9.31 -21.86
C PHE A 306 -7.30 -8.33 -22.64
N PHE A 307 -7.80 -7.34 -21.91
CA PHE A 307 -8.67 -6.33 -22.50
C PHE A 307 -8.40 -5.01 -21.81
N TYR A 308 -8.82 -3.95 -22.47
CA TYR A 308 -8.33 -2.60 -22.21
C TYR A 308 -9.48 -1.67 -22.52
N THR A 309 -9.91 -0.86 -21.54
CA THR A 309 -10.99 0.09 -21.74
C THR A 309 -10.62 1.42 -21.10
N ASP A 310 -11.41 2.44 -21.37
CA ASP A 310 -11.19 3.77 -20.82
C ASP A 310 -12.45 4.55 -20.60
N SER A 311 -12.30 5.67 -19.95
CA SER A 311 -13.40 6.56 -19.64
C SER A 311 -14.48 5.85 -18.90
N GLU A 312 -15.72 5.96 -19.33
CA GLU A 312 -16.82 5.36 -18.65
C GLU A 312 -16.65 3.89 -18.56
N MET A 313 -16.05 3.30 -19.56
CA MET A 313 -15.90 1.85 -19.54
C MET A 313 -14.85 1.41 -18.52
N ALA A 314 -13.78 2.18 -18.37
CA ALA A 314 -12.88 1.96 -17.24
C ALA A 314 -13.65 2.02 -15.92
N ASN A 315 -14.50 3.03 -15.74
CA ASN A 315 -15.26 3.12 -14.51
C ASN A 315 -16.37 2.08 -14.45
N TYR A 316 -16.74 1.49 -15.58
CA TYR A 316 -17.66 0.37 -15.53
C TYR A 316 -17.01 -0.79 -14.79
N TRP A 317 -15.78 -1.10 -15.16
CA TRP A 317 -15.14 -2.32 -14.70
C TRP A 317 -14.58 -2.20 -13.29
N ARG A 318 -14.12 -1.00 -12.91
CA ARG A 318 -13.80 -0.82 -11.51
C ARG A 318 -15.03 -1.03 -10.65
N GLY A 319 -16.22 -0.89 -11.25
CA GLY A 319 -17.44 -1.19 -10.52
C GLY A 319 -17.74 -2.68 -10.33
N CYS A 320 -17.58 -3.49 -11.38
CA CYS A 320 -17.77 -4.93 -11.19
C CYS A 320 -16.79 -5.50 -10.17
N VAL A 321 -15.53 -5.07 -10.19
CA VAL A 321 -14.58 -5.65 -9.25
C VAL A 321 -14.94 -5.27 -7.83
N ALA A 322 -15.56 -4.11 -7.63
CA ALA A 322 -15.96 -3.73 -6.28
C ALA A 322 -17.04 -4.66 -5.72
N GLU A 323 -18.05 -4.99 -6.53
CA GLU A 323 -19.13 -5.85 -6.07
C GLU A 323 -18.69 -7.30 -5.94
N GLY A 324 -17.63 -7.71 -6.61
CA GLY A 324 -17.18 -9.06 -6.39
C GLY A 324 -16.38 -9.66 -7.52
N GLU A 325 -15.29 -10.32 -7.14
CA GLU A 325 -14.35 -10.85 -8.12
CA GLU A 325 -14.35 -10.87 -8.12
C GLU A 325 -15.04 -11.87 -9.03
N ASP A 326 -15.94 -12.70 -8.48
CA ASP A 326 -16.61 -13.71 -9.28
CA ASP A 326 -16.59 -13.71 -9.31
C ASP A 326 -17.61 -13.08 -10.25
N GLY A 327 -18.37 -12.08 -9.78
CA GLY A 327 -19.27 -11.38 -10.69
C GLY A 327 -18.53 -10.78 -11.86
N TYR A 328 -17.35 -10.21 -11.59
CA TYR A 328 -16.47 -9.71 -12.62
C TYR A 328 -16.11 -10.83 -13.60
N LEU A 329 -15.50 -11.92 -13.13
CA LEU A 329 -15.06 -12.93 -14.09
C LEU A 329 -16.21 -13.53 -14.88
N GLU A 330 -17.41 -13.59 -14.28
CA GLU A 330 -18.53 -14.18 -15.00
C GLU A 330 -19.03 -13.24 -16.09
N GLN A 331 -18.92 -11.93 -15.86
CA GLN A 331 -19.34 -10.97 -16.86
C GLN A 331 -18.37 -10.88 -18.03
N ILE A 332 -17.06 -11.00 -17.79
CA ILE A 332 -16.23 -10.89 -18.98
C ILE A 332 -16.36 -12.15 -19.86
N ARG A 333 -16.63 -13.32 -19.27
CA ARG A 333 -16.83 -14.45 -20.17
C ARG A 333 -18.18 -14.39 -20.88
N THR A 334 -19.19 -13.79 -20.26
CA THR A 334 -20.42 -13.52 -21.00
C THR A 334 -20.12 -12.70 -22.25
N HIS A 335 -19.34 -11.62 -22.07
CA HIS A 335 -19.02 -10.70 -23.15
C HIS A 335 -18.02 -11.31 -24.11
N LEU A 336 -17.16 -12.21 -23.64
CA LEU A 336 -16.27 -12.94 -24.53
C LEU A 336 -17.04 -13.76 -25.55
N ALA A 337 -18.08 -14.46 -25.10
CA ALA A 337 -18.85 -15.32 -26.01
C ALA A 337 -19.62 -14.48 -27.03
N SER A 338 -20.34 -13.47 -26.53
CA SER A 338 -20.96 -12.39 -27.28
C SER A 338 -20.08 -11.98 -28.45
N ALA A 339 -18.78 -11.90 -28.21
CA ALA A 339 -17.84 -11.36 -29.18
C ALA A 339 -17.36 -12.41 -30.17
N LEU A 340 -17.21 -13.66 -29.75
CA LEU A 340 -16.76 -14.71 -30.66
C LEU A 340 -17.91 -15.37 -31.39
N GLY A 341 -19.16 -15.01 -31.07
CA GLY A 341 -20.31 -15.62 -31.71
C GLY A 341 -20.50 -17.07 -31.27
N ILE A 342 -20.21 -17.36 -30.01
CA ILE A 342 -20.26 -18.69 -29.46
C ILE A 342 -21.02 -18.64 -28.13
N VAL A 343 -21.19 -19.80 -27.54
CA VAL A 343 -22.01 -19.93 -26.34
C VAL A 343 -21.09 -19.86 -25.14
N ARG A 344 -21.62 -19.34 -24.02
CA ARG A 344 -20.70 -19.01 -22.96
C ARG A 344 -20.13 -20.23 -22.25
N GLU A 345 -20.61 -21.44 -22.54
CA GLU A 345 -20.00 -22.60 -21.92
C GLU A 345 -18.89 -23.19 -22.77
N ARG A 346 -18.63 -22.58 -23.93
CA ARG A 346 -17.44 -22.88 -24.69
C ARG A 346 -16.22 -22.10 -24.21
N ILE A 347 -16.39 -21.18 -23.27
CA ILE A 347 -15.31 -20.32 -22.80
C ILE A 347 -14.85 -20.82 -21.44
N PRO A 348 -13.61 -21.29 -21.33
CA PRO A 348 -13.13 -21.83 -20.06
C PRO A 348 -13.04 -20.77 -18.97
N GLN A 349 -12.91 -21.27 -17.69
CA GLN A 349 -12.53 -20.26 -16.72
C GLN A 349 -11.01 -20.20 -16.61
N PRO A 350 -10.51 -19.07 -16.15
CA PRO A 350 -9.06 -18.90 -16.06
C PRO A 350 -8.50 -19.47 -14.76
N LEU A 351 -7.24 -19.90 -14.83
CA LEU A 351 -6.49 -20.18 -13.61
C LEU A 351 -6.22 -18.87 -12.90
N ALA A 352 -5.35 -18.08 -13.50
CA ALA A 352 -4.83 -16.86 -12.91
C ALA A 352 -5.40 -15.67 -13.66
N HIS A 353 -5.71 -14.63 -12.91
CA HIS A 353 -6.06 -13.36 -13.49
C HIS A 353 -5.66 -12.23 -12.56
N VAL A 354 -5.21 -11.12 -13.15
CA VAL A 354 -4.89 -9.90 -12.43
C VAL A 354 -5.49 -8.75 -13.23
N HIS A 355 -5.46 -7.55 -12.65
CA HIS A 355 -6.12 -6.40 -13.25
C HIS A 355 -5.77 -5.14 -12.46
N LYS A 356 -5.55 -4.05 -13.18
CA LYS A 356 -5.20 -2.78 -12.57
C LYS A 356 -6.14 -1.70 -13.12
N TYR A 357 -6.39 -0.69 -12.32
CA TYR A 357 -7.18 0.45 -12.75
C TYR A 357 -6.45 1.73 -12.41
N TRP A 358 -6.49 2.68 -13.33
CA TRP A 358 -5.78 3.92 -13.14
C TRP A 358 -6.80 5.04 -13.01
N ALA A 359 -6.93 5.55 -11.79
CA ALA A 359 -7.88 6.61 -11.53
C ALA A 359 -7.63 7.83 -12.41
N HIS A 360 -6.35 8.12 -12.71
CA HIS A 360 -5.96 9.21 -13.63
C HIS A 360 -5.02 8.65 -14.67
N GLY A 361 -5.47 7.62 -15.37
CA GLY A 361 -4.59 6.89 -16.27
C GLY A 361 -3.78 7.79 -17.17
N VAL A 362 -4.45 8.70 -17.87
CA VAL A 362 -3.82 9.60 -18.82
C VAL A 362 -4.18 11.03 -18.47
N GLU A 363 -3.18 11.88 -18.36
CA GLU A 363 -3.38 13.31 -18.08
C GLU A 363 -2.93 14.13 -19.28
N PHE A 364 -3.69 15.18 -19.58
CA PHE A 364 -3.49 15.97 -20.79
C PHE A 364 -3.79 17.44 -20.50
N CYS A 365 -3.59 18.27 -21.53
CA CYS A 365 -3.85 19.69 -21.48
C CYS A 365 -4.97 20.07 -22.45
N ARG A 366 -5.62 21.19 -22.15
CA ARG A 366 -6.56 21.85 -23.04
C ARG A 366 -5.86 23.02 -23.71
N ASP A 367 -5.76 22.96 -25.04
CA ASP A 367 -5.05 23.95 -25.84
C ASP A 367 -3.56 23.99 -25.49
N ASP A 371 3.01 28.67 -27.19
CA ASP A 371 1.99 28.00 -26.39
C ASP A 371 2.60 27.43 -25.11
N HIS A 372 2.88 26.11 -25.12
CA HIS A 372 3.15 25.31 -23.92
C HIS A 372 4.62 24.91 -23.80
N PRO A 373 5.25 25.19 -22.66
CA PRO A 373 6.64 24.75 -22.45
C PRO A 373 6.71 23.33 -21.90
N SER A 374 7.90 22.73 -22.08
CA SER A 374 8.08 21.32 -21.71
C SER A 374 8.16 21.10 -20.20
N ALA A 375 8.41 22.15 -19.41
CA ALA A 375 8.40 22.06 -17.97
C ALA A 375 7.92 23.39 -17.41
N LEU A 376 7.23 23.34 -16.28
CA LEU A 376 6.75 24.55 -15.64
C LEU A 376 7.66 24.98 -14.49
N SER A 377 7.45 26.23 -14.04
CA SER A 377 8.07 26.77 -12.85
C SER A 377 7.06 27.64 -12.12
N HIS A 378 7.16 27.65 -10.80
CA HIS A 378 6.39 28.59 -9.99
C HIS A 378 6.81 30.02 -10.33
N ARG A 379 5.83 30.92 -10.49
CA ARG A 379 6.23 32.29 -10.79
C ARG A 379 6.99 32.90 -9.62
N ASP A 380 6.81 32.37 -8.42
CA ASP A 380 7.43 32.88 -7.19
C ASP A 380 8.62 32.05 -6.69
N SER A 381 8.36 30.83 -6.23
CA SER A 381 9.33 30.07 -5.44
C SER A 381 10.30 29.25 -6.27
N GLY A 382 10.11 29.17 -7.59
CA GLY A 382 11.07 28.45 -8.42
C GLY A 382 11.11 26.96 -8.20
N ILE A 383 10.04 26.36 -7.68
CA ILE A 383 9.90 24.91 -7.78
C ILE A 383 9.70 24.57 -9.25
N ILE A 384 10.32 23.48 -9.69
CA ILE A 384 10.16 23.00 -11.05
C ILE A 384 9.24 21.79 -11.05
N ALA A 385 8.29 21.78 -11.98
CA ALA A 385 7.33 20.69 -12.13
C ALA A 385 7.53 20.02 -13.48
N CYS A 386 7.76 18.71 -13.45
CA CYS A 386 8.07 17.92 -14.63
C CYS A 386 7.00 16.83 -14.79
N SER A 387 6.50 16.66 -16.02
CA SER A 387 5.47 15.64 -16.28
C SER A 387 5.25 15.49 -17.78
N ASP A 388 4.74 14.32 -18.17
CA ASP A 388 4.37 14.07 -19.56
C ASP A 388 3.33 15.06 -20.05
N ALA A 389 2.46 15.55 -19.16
CA ALA A 389 1.29 16.31 -19.58
C ALA A 389 1.62 17.66 -20.20
N TYR A 390 2.79 18.23 -19.91
CA TYR A 390 3.15 19.58 -20.35
C TYR A 390 3.77 19.63 -21.74
N THR A 391 3.86 18.52 -22.43
CA THR A 391 4.57 18.48 -23.70
C THR A 391 3.61 18.25 -24.85
N GLU A 392 4.17 18.36 -26.05
CA GLU A 392 3.44 17.97 -27.25
C GLU A 392 2.81 16.59 -27.07
N HIS A 393 3.56 15.64 -26.50
CA HIS A 393 3.14 14.24 -26.38
C HIS A 393 2.44 13.93 -25.05
N CYS A 394 1.49 14.78 -24.63
CA CYS A 394 0.77 14.53 -23.38
C CYS A 394 0.15 13.14 -23.43
N GLY A 395 0.64 12.22 -22.60
CA GLY A 395 0.08 10.88 -22.53
C GLY A 395 1.01 9.77 -22.97
N TRP A 396 2.27 10.06 -23.34
CA TRP A 396 3.23 9.04 -23.74
C TRP A 396 4.50 9.15 -22.88
N MET A 397 5.26 8.06 -22.87
CA MET A 397 6.54 8.07 -22.14
C MET A 397 7.50 9.10 -22.71
N GLU A 398 7.47 9.30 -24.04
CA GLU A 398 8.25 10.38 -24.65
C GLU A 398 7.99 11.72 -23.95
N GLY A 399 6.75 11.99 -23.56
CA GLY A 399 6.47 13.20 -22.81
C GLY A 399 7.31 13.30 -21.55
N GLY A 400 7.49 12.17 -20.86
CA GLY A 400 8.33 12.18 -19.68
C GLY A 400 9.78 12.52 -20.00
N LEU A 401 10.32 11.88 -21.04
CA LEU A 401 11.73 12.06 -21.37
C LEU A 401 12.02 13.50 -21.81
N LEU A 402 11.04 14.13 -22.44
CA LEU A 402 11.16 15.51 -22.87
C LEU A 402 11.04 16.47 -21.71
N SER A 403 9.94 16.38 -20.96
CA SER A 403 9.84 17.19 -19.77
C SER A 403 11.07 17.03 -18.85
N ALA A 404 11.70 15.86 -18.85
CA ALA A 404 12.83 15.66 -17.97
C ALA A 404 14.06 16.40 -18.45
N ARG A 405 14.47 16.20 -19.72
CA ARG A 405 15.61 16.94 -20.27
C ARG A 405 15.47 18.43 -20.06
N GLU A 406 14.28 18.97 -20.29
CA GLU A 406 13.95 20.35 -19.98
C GLU A 406 14.24 20.71 -18.53
N ALA A 407 13.44 20.16 -17.60
CA ALA A 407 13.53 20.52 -16.18
C ALA A 407 14.95 20.34 -15.62
N SER A 408 15.75 19.46 -16.23
CA SER A 408 17.16 19.39 -15.89
C SER A 408 17.85 20.73 -16.11
N ARG A 409 17.68 21.29 -17.32
CA ARG A 409 18.44 22.49 -17.63
C ARG A 409 17.87 23.70 -16.91
N LEU A 410 16.54 23.75 -16.70
CA LEU A 410 15.94 24.84 -15.92
C LEU A 410 16.47 24.88 -14.50
N LEU A 411 16.85 23.72 -13.96
CA LEU A 411 17.31 23.60 -12.59
C LEU A 411 18.80 23.80 -12.49
N LEU A 412 19.54 23.31 -13.50
CA LEU A 412 20.98 23.53 -13.55
C LEU A 412 21.28 24.99 -13.80
N GLN A 413 20.41 25.67 -14.56
CA GLN A 413 20.44 27.13 -14.59
C GLN A 413 20.32 27.71 -13.18
N ARG A 414 19.24 27.34 -12.46
CA ARG A 414 19.01 27.84 -11.11
C ARG A 414 20.19 27.58 -10.20
N ILE A 415 21.16 26.78 -10.64
CA ILE A 415 22.31 26.40 -9.83
C ILE A 415 23.51 27.20 -10.30
N ALA A 416 23.98 26.91 -11.52
CA ALA A 416 25.04 27.69 -12.12
C ALA A 416 24.71 29.18 -12.06
N ALA A 417 25.73 30.00 -11.77
CA ALA A 417 25.55 31.44 -11.54
C ALA A 417 24.43 31.75 -10.51
N LYS B 1 -27.74 -1.61 -6.60
CA LYS B 1 -27.47 -1.43 -5.18
C LYS B 1 -26.14 -2.07 -4.77
N HIS B 2 -25.33 -1.28 -4.07
CA HIS B 2 -24.23 -1.78 -3.23
C HIS B 2 -24.75 -1.75 -1.78
N SER B 3 -25.57 -2.75 -1.45
CA SER B 3 -26.28 -2.80 -0.17
C SER B 3 -25.94 -4.08 0.58
N SER B 4 -26.15 -4.06 1.90
CA SER B 4 -25.92 -5.26 2.70
C SER B 4 -26.67 -5.15 4.03
N ASP B 5 -27.10 -6.30 4.55
CA ASP B 5 -27.73 -6.34 5.87
C ASP B 5 -26.76 -5.89 6.94
N ILE B 6 -25.65 -6.61 7.06
CA ILE B 6 -24.66 -6.41 8.10
C ILE B 6 -23.31 -6.10 7.45
N CYS B 7 -22.56 -5.21 8.07
CA CYS B 7 -21.27 -4.81 7.52
C CYS B 7 -20.33 -4.62 8.68
N ILE B 8 -19.26 -5.39 8.66
CA ILE B 8 -18.17 -5.31 9.61
C ILE B 8 -17.05 -4.53 8.94
N VAL B 9 -16.66 -3.40 9.51
CA VAL B 9 -15.45 -2.72 9.06
C VAL B 9 -14.27 -3.16 9.94
N GLY B 10 -13.25 -3.73 9.30
CA GLY B 10 -12.05 -4.17 9.98
C GLY B 10 -11.94 -5.67 9.93
N ALA B 11 -10.79 -6.22 9.52
CA ALA B 11 -10.63 -7.66 9.39
C ALA B 11 -9.43 -8.14 10.17
N GLY B 12 -9.18 -7.52 11.32
CA GLY B 12 -8.29 -8.10 12.29
C GLY B 12 -8.92 -9.33 12.91
N ILE B 13 -8.31 -9.80 14.00
CA ILE B 13 -8.90 -10.92 14.72
C ILE B 13 -10.25 -10.55 15.30
N SER B 14 -10.42 -9.32 15.80
CA SER B 14 -11.72 -8.90 16.29
C SER B 14 -12.77 -9.06 15.20
N GLY B 15 -12.62 -8.29 14.11
CA GLY B 15 -13.65 -8.24 13.08
C GLY B 15 -13.94 -9.62 12.53
N LEU B 16 -12.89 -10.35 12.17
CA LEU B 16 -13.15 -11.71 11.70
C LEU B 16 -13.85 -12.58 12.73
N THR B 17 -13.74 -12.27 14.04
CA THR B 17 -14.46 -13.05 15.07
C THR B 17 -15.92 -12.62 15.21
N CYS B 18 -16.22 -11.33 15.11
CA CYS B 18 -17.62 -10.92 14.99
C CYS B 18 -18.27 -11.66 13.83
N ALA B 19 -17.59 -11.69 12.68
CA ALA B 19 -18.12 -12.43 11.56
C ALA B 19 -18.39 -13.86 11.92
N SER B 20 -17.45 -14.50 12.63
CA SER B 20 -17.60 -15.92 12.93
C SER B 20 -18.81 -16.16 13.83
N HIS B 21 -18.98 -15.34 14.86
CA HIS B 21 -20.08 -15.52 15.79
C HIS B 21 -21.42 -15.33 15.11
N LEU B 22 -21.60 -14.23 14.38
CA LEU B 22 -22.88 -13.97 13.71
C LEU B 22 -23.26 -15.11 12.78
N LEU B 23 -22.35 -15.50 11.90
CA LEU B 23 -22.63 -16.54 10.91
C LEU B 23 -22.84 -17.92 11.52
N ASP B 24 -22.66 -18.05 12.84
CA ASP B 24 -22.94 -19.29 13.55
C ASP B 24 -24.33 -19.29 14.19
N SER B 25 -25.01 -18.06 14.30
CA SER B 25 -26.35 -17.77 14.79
C SER B 25 -27.40 -17.91 13.68
N PRO B 26 -28.60 -18.41 14.01
CA PRO B 26 -29.68 -18.48 13.02
C PRO B 26 -30.47 -17.21 12.86
N ALA B 27 -30.39 -16.28 13.81
CA ALA B 27 -30.97 -14.95 13.62
C ALA B 27 -30.31 -14.22 12.45
N CYS B 28 -29.37 -14.87 11.79
CA CYS B 28 -28.71 -14.34 10.61
C CYS B 28 -28.74 -15.29 9.43
N ARG B 29 -29.39 -16.44 9.57
CA ARG B 29 -29.58 -17.32 8.43
C ARG B 29 -30.17 -16.52 7.27
N GLY B 30 -29.48 -16.54 6.14
CA GLY B 30 -29.94 -15.76 5.00
C GLY B 30 -29.98 -14.27 5.24
N LEU B 31 -28.92 -13.72 5.84
CA LEU B 31 -28.68 -12.28 5.89
C LEU B 31 -27.35 -11.97 5.25
N SER B 32 -27.30 -10.90 4.46
CA SER B 32 -26.09 -10.55 3.74
C SER B 32 -25.09 -9.92 4.68
N LEU B 33 -23.81 -10.27 4.51
CA LEU B 33 -22.77 -9.74 5.38
C LEU B 33 -21.56 -9.42 4.53
N ARG B 34 -21.20 -8.13 4.46
CA ARG B 34 -19.95 -7.73 3.84
C ARG B 34 -18.97 -7.21 4.89
N ILE B 35 -17.70 -7.60 4.73
CA ILE B 35 -16.58 -7.16 5.55
C ILE B 35 -15.63 -6.32 4.68
N PHE B 36 -15.30 -5.13 5.17
CA PHE B 36 -14.32 -4.26 4.55
C PHE B 36 -13.03 -4.23 5.36
N ASP B 37 -11.92 -3.95 4.69
CA ASP B 37 -10.66 -3.60 5.35
C ASP B 37 -9.80 -2.81 4.37
N MET B 38 -9.20 -1.71 4.86
CA MET B 38 -8.29 -0.92 4.01
C MET B 38 -7.05 -1.69 3.64
N GLN B 39 -6.67 -2.68 4.42
CA GLN B 39 -5.53 -3.45 4.00
C GLN B 39 -5.91 -4.37 2.85
N GLN B 40 -4.88 -4.92 2.21
CA GLN B 40 -5.06 -5.85 1.12
C GLN B 40 -5.13 -7.29 1.60
N GLU B 41 -5.08 -7.50 2.91
CA GLU B 41 -4.93 -8.83 3.46
C GLU B 41 -5.43 -8.80 4.90
N ALA B 42 -6.17 -9.84 5.31
CA ALA B 42 -6.71 -9.82 6.67
C ALA B 42 -5.62 -10.13 7.69
N GLY B 43 -5.91 -9.78 8.94
CA GLY B 43 -4.92 -9.98 9.98
C GLY B 43 -4.70 -8.79 10.89
N GLY B 44 -4.87 -7.57 10.37
CA GLY B 44 -4.52 -6.38 11.15
C GLY B 44 -3.09 -6.42 11.67
N ARG B 45 -2.99 -6.39 12.97
CA ARG B 45 -1.72 -6.41 13.64
C ARG B 45 -1.10 -7.79 13.70
N ILE B 46 -1.69 -8.75 13.03
CA ILE B 46 -1.08 -10.05 12.94
C ILE B 46 -0.64 -10.21 11.51
N ARG B 47 0.66 -10.08 11.29
CA ARG B 47 1.29 -10.18 10.00
C ARG B 47 2.43 -11.15 10.10
N SER B 48 2.36 -12.26 9.35
CA SER B 48 3.39 -13.29 9.33
C SER B 48 4.07 -13.32 7.96
N LYS B 49 5.39 -13.21 7.95
CA LYS B 49 6.20 -13.33 6.73
C LYS B 49 7.17 -14.50 6.83
N MET B 50 7.52 -15.04 5.66
CA MET B 50 8.68 -15.92 5.53
C MET B 50 9.91 -15.08 5.19
N LEU B 51 10.91 -15.13 6.07
CA LEU B 51 12.15 -14.39 5.90
C LEU B 51 13.13 -15.35 5.31
N ASP B 52 13.88 -14.87 4.32
CA ASP B 52 14.85 -15.66 3.61
C ASP B 52 14.18 -16.89 3.05
N GLY B 53 14.79 -18.05 3.24
CA GLY B 53 14.23 -19.27 2.71
C GLY B 53 13.26 -20.09 3.52
N LYS B 54 13.58 -20.37 4.77
CA LYS B 54 12.69 -21.22 5.56
C LYS B 54 12.56 -20.72 6.99
N ALA B 55 12.46 -19.39 7.15
CA ALA B 55 12.23 -18.78 8.45
C ALA B 55 10.83 -18.17 8.46
N SER B 56 9.99 -18.61 9.42
CA SER B 56 8.66 -18.05 9.66
C SER B 56 8.74 -17.07 10.83
N ILE B 57 8.62 -15.78 10.53
CA ILE B 57 8.81 -14.72 11.51
C ILE B 57 7.49 -14.00 11.71
N GLU B 58 7.38 -13.34 12.86
CA GLU B 58 6.11 -12.86 13.38
C GLU B 58 6.25 -11.35 13.63
N LEU B 59 5.89 -10.57 12.62
CA LEU B 59 6.11 -9.13 12.65
C LEU B 59 5.12 -8.39 13.52
N GLY B 60 4.05 -9.05 13.95
CA GLY B 60 3.06 -8.44 14.81
C GLY B 60 2.88 -9.28 16.05
N ALA B 61 1.64 -9.63 16.38
CA ALA B 61 1.37 -10.47 17.54
C ALA B 61 2.18 -11.75 17.45
N GLY B 62 2.83 -12.11 18.57
CA GLY B 62 3.84 -13.15 18.57
C GLY B 62 3.50 -14.36 19.41
N ARG B 63 3.14 -14.15 20.67
CA ARG B 63 3.14 -15.23 21.65
C ARG B 63 1.81 -15.18 22.41
N TYR B 64 1.44 -16.29 23.06
CA TYR B 64 0.26 -16.33 23.93
C TYR B 64 0.49 -17.28 25.10
N SER B 65 -0.37 -17.14 26.10
CA SER B 65 -0.26 -17.87 27.37
C SER B 65 -1.55 -18.63 27.65
N PRO B 66 -1.51 -19.94 27.87
CA PRO B 66 -2.74 -20.62 28.23
C PRO B 66 -3.29 -20.10 29.52
N GLN B 67 -2.48 -19.42 30.32
CA GLN B 67 -2.96 -18.94 31.61
C GLN B 67 -3.76 -17.66 31.43
N LEU B 68 -3.25 -16.74 30.63
CA LEU B 68 -3.89 -15.44 30.44
C LEU B 68 -4.74 -15.35 29.18
N HIS B 69 -4.69 -16.36 28.28
CA HIS B 69 -5.31 -16.23 26.95
C HIS B 69 -6.12 -17.47 26.57
N PRO B 70 -7.05 -17.91 27.41
CA PRO B 70 -7.70 -19.18 27.15
C PRO B 70 -8.59 -19.15 25.92
N HIS B 71 -9.16 -18.00 25.57
CA HIS B 71 -9.98 -17.95 24.37
C HIS B 71 -9.15 -18.01 23.10
N PHE B 72 -7.96 -17.39 23.09
CA PHE B 72 -7.04 -17.60 21.97
C PHE B 72 -6.66 -19.08 21.82
N GLN B 73 -6.23 -19.71 22.92
CA GLN B 73 -5.82 -21.11 22.81
C GLN B 73 -6.96 -21.98 22.31
N SER B 74 -8.19 -21.70 22.75
CA SER B 74 -9.32 -22.47 22.26
C SER B 74 -9.41 -22.29 20.74
N ALA B 75 -9.45 -21.03 20.29
CA ALA B 75 -9.46 -20.72 18.87
C ALA B 75 -8.38 -21.47 18.09
N MET B 76 -7.13 -21.45 18.59
CA MET B 76 -6.08 -22.16 17.89
C MET B 76 -6.37 -23.64 17.82
N GLN B 77 -6.93 -24.21 18.91
CA GLN B 77 -7.27 -25.63 18.86
C GLN B 77 -8.49 -25.86 17.97
N HIS B 78 -9.51 -25.00 18.08
CA HIS B 78 -10.71 -25.12 17.24
CA HIS B 78 -10.70 -25.18 17.26
C HIS B 78 -10.35 -25.19 15.77
N TYR B 79 -9.27 -24.51 15.37
CA TYR B 79 -8.96 -24.39 13.95
C TYR B 79 -7.77 -25.23 13.52
N SER B 80 -7.41 -26.24 14.31
CA SER B 80 -6.28 -27.14 14.04
C SER B 80 -5.04 -26.37 13.64
N GLN B 81 -4.66 -25.40 14.48
CA GLN B 81 -3.38 -24.74 14.39
C GLN B 81 -2.47 -25.35 15.46
N LYS B 82 -1.23 -25.64 15.09
CA LYS B 82 -0.27 -26.19 16.04
C LYS B 82 0.67 -25.09 16.51
N SER B 83 0.87 -25.01 17.82
CA SER B 83 1.71 -24.01 18.46
C SER B 83 2.79 -24.67 19.31
N GLU B 84 3.99 -24.07 19.30
CA GLU B 84 5.22 -24.57 19.90
C GLU B 84 5.55 -23.78 21.17
N VAL B 85 6.62 -24.15 21.84
CA VAL B 85 6.87 -23.51 23.13
C VAL B 85 7.65 -22.23 22.91
N TYR B 86 7.32 -21.24 23.69
CA TYR B 86 7.99 -19.95 23.59
C TYR B 86 9.17 -19.96 24.53
N PRO B 87 10.40 -19.83 24.02
CA PRO B 87 11.57 -20.04 24.88
C PRO B 87 11.95 -18.82 25.69
N PHE B 88 11.32 -17.68 25.48
CA PHE B 88 11.89 -16.43 25.95
C PHE B 88 11.25 -15.99 27.26
N THR B 89 11.26 -16.93 28.21
CA THR B 89 10.57 -16.81 29.49
C THR B 89 11.52 -16.59 30.66
N GLN B 90 12.82 -16.69 30.42
CA GLN B 90 13.88 -16.54 31.40
C GLN B 90 14.92 -15.52 30.89
N LEU B 91 15.56 -14.83 31.81
CA LEU B 91 16.78 -14.10 31.54
C LEU B 91 17.95 -14.90 32.11
N LYS B 92 18.80 -15.41 31.22
CA LYS B 92 19.92 -16.22 31.68
C LYS B 92 20.99 -15.30 32.23
N PHE B 93 20.93 -14.02 31.90
CA PHE B 93 21.92 -13.07 32.37
C PHE B 93 21.42 -11.90 33.22
N LYS B 94 20.78 -12.23 34.33
CA LYS B 94 20.21 -11.17 35.15
C LYS B 94 21.34 -10.31 35.65
N SER B 95 21.27 -9.04 35.30
CA SER B 95 22.29 -8.08 35.67
C SER B 95 22.25 -7.64 37.11
N HIS B 96 23.35 -7.09 37.57
CA HIS B 96 23.30 -6.61 38.95
C HIS B 96 21.89 -6.15 39.30
N VAL B 97 21.35 -5.21 38.52
CA VAL B 97 20.07 -4.58 38.86
C VAL B 97 18.92 -5.56 38.64
N GLN B 98 18.92 -6.25 37.50
CA GLN B 98 17.85 -7.19 37.25
C GLN B 98 18.08 -8.53 37.93
N GLN B 99 18.96 -8.57 38.94
CA GLN B 99 18.89 -9.59 39.98
C GLN B 99 18.27 -9.03 41.25
N LYS B 100 18.60 -7.79 41.60
CA LYS B 100 18.16 -7.11 42.81
C LYS B 100 16.72 -6.56 42.72
N LEU B 101 15.91 -7.03 41.78
CA LEU B 101 14.61 -6.40 41.57
C LEU B 101 13.44 -7.34 41.75
N LYS B 102 13.64 -8.64 41.74
CA LYS B 102 12.46 -9.38 42.04
C LYS B 102 12.07 -8.90 43.44
N ARG B 103 13.04 -8.90 44.34
CA ARG B 103 12.85 -8.51 45.73
C ARG B 103 12.43 -7.07 45.93
N ALA B 104 13.01 -6.16 45.17
CA ALA B 104 12.65 -4.78 45.27
C ALA B 104 11.20 -4.58 44.88
N MET B 105 10.76 -5.28 43.83
CA MET B 105 9.40 -5.16 43.39
C MET B 105 8.40 -5.66 44.42
N ASN B 106 8.67 -6.80 45.05
CA ASN B 106 7.69 -7.31 46.02
C ASN B 106 7.35 -6.27 47.09
N GLU B 107 8.38 -5.64 47.67
CA GLU B 107 8.22 -4.85 48.90
C GLU B 107 7.22 -3.72 48.75
N LEU B 108 7.28 -2.98 47.63
CA LEU B 108 6.45 -1.79 47.51
C LEU B 108 4.97 -2.10 47.39
N SER B 109 4.60 -3.36 47.15
CA SER B 109 3.20 -3.72 46.86
C SER B 109 2.18 -3.06 47.78
N PRO B 110 2.31 -3.09 49.12
CA PRO B 110 1.29 -2.46 49.97
C PRO B 110 1.34 -0.94 49.99
N ARG B 111 2.38 -0.32 49.41
CA ARG B 111 2.34 1.09 49.12
C ARG B 111 1.54 1.39 47.85
N LEU B 112 0.97 0.35 47.20
CA LEU B 112 -0.05 0.57 46.18
C LEU B 112 -1.39 0.92 46.81
N LYS B 113 -1.60 0.50 48.06
CA LYS B 113 -2.73 0.99 48.83
C LYS B 113 -2.51 2.46 49.23
N GLU B 114 -1.32 2.76 49.75
CA GLU B 114 -0.94 4.13 50.16
C GLU B 114 -1.12 5.12 49.01
N HIS B 115 -0.29 5.02 47.98
CA HIS B 115 -0.44 5.86 46.79
C HIS B 115 -0.13 4.99 45.58
N GLY B 116 -1.14 4.75 44.75
CA GLY B 116 -1.04 3.67 43.79
C GLY B 116 -1.31 4.05 42.36
N LYS B 117 -1.91 5.21 42.13
CA LYS B 117 -2.13 5.73 40.78
C LYS B 117 -1.15 6.86 40.47
N GLU B 118 0.11 6.70 40.88
CA GLU B 118 1.16 7.62 40.52
C GLU B 118 1.82 7.17 39.21
N SER B 119 2.71 7.98 38.67
CA SER B 119 3.68 7.42 37.75
C SER B 119 4.31 6.19 38.42
N PHE B 120 4.33 5.09 37.70
CA PHE B 120 5.20 4.01 38.12
C PHE B 120 6.62 4.53 38.33
N LEU B 121 7.05 5.50 37.51
CA LEU B 121 8.31 6.18 37.77
C LEU B 121 8.27 6.93 39.10
N GLN B 122 7.27 7.81 39.27
CA GLN B 122 7.13 8.51 40.54
C GLN B 122 7.04 7.55 41.72
N PHE B 123 6.38 6.40 41.52
CA PHE B 123 6.15 5.43 42.60
C PHE B 123 7.46 4.88 43.14
N VAL B 124 8.36 4.43 42.24
CA VAL B 124 9.63 3.85 42.70
C VAL B 124 10.60 4.94 43.16
N SER B 125 10.44 6.17 42.66
CA SER B 125 11.19 7.30 43.19
C SER B 125 11.13 7.36 44.72
N ARG B 126 10.02 6.94 45.30
CA ARG B 126 9.98 6.94 46.74
C ARG B 126 10.83 5.89 47.50
N TYR B 127 10.76 4.62 47.15
CA TYR B 127 11.53 3.61 47.89
C TYR B 127 13.03 3.71 47.72
N GLN B 128 13.43 3.93 46.50
CA GLN B 128 14.83 4.16 46.23
C GLN B 128 14.95 5.57 45.68
N GLY B 129 16.14 5.91 45.28
CA GLY B 129 16.39 7.21 44.69
C GLY B 129 15.77 7.30 43.31
N HIS B 130 15.57 8.53 42.87
CA HIS B 130 15.06 8.73 41.54
C HIS B 130 16.10 8.15 40.64
N ASP B 131 17.35 8.24 41.05
CA ASP B 131 18.33 7.61 40.15
C ASP B 131 18.26 6.09 40.23
N SER B 132 18.31 5.53 41.45
CA SER B 132 18.18 4.09 41.60
C SER B 132 16.85 3.57 41.03
N ALA B 133 15.81 4.39 41.01
CA ALA B 133 14.54 3.99 40.43
C ALA B 133 14.66 3.77 38.92
N VAL B 134 15.33 4.67 38.21
CA VAL B 134 15.32 4.59 36.76
C VAL B 134 16.11 3.39 36.25
N GLY B 135 17.21 3.05 36.92
CA GLY B 135 17.98 1.92 36.46
C GLY B 135 17.23 0.62 36.64
N MET B 136 16.43 0.54 37.71
CA MET B 136 15.54 -0.61 37.90
C MET B 136 14.43 -0.62 36.86
N ILE B 137 13.73 0.50 36.70
CA ILE B 137 12.62 0.51 35.75
C ILE B 137 13.11 0.33 34.31
N ARG B 138 14.35 0.70 33.99
CA ARG B 138 14.83 0.54 32.63
C ARG B 138 15.35 -0.87 32.36
N SER B 139 15.73 -1.62 33.40
CA SER B 139 16.30 -2.95 33.19
C SER B 139 15.24 -3.97 32.82
N MET B 140 14.01 -3.55 32.64
CA MET B 140 12.95 -4.45 32.23
C MET B 140 12.68 -4.37 30.74
N GLY B 141 13.25 -3.40 30.03
CA GLY B 141 13.29 -3.44 28.59
C GLY B 141 12.03 -3.00 27.90
N TYR B 142 11.07 -2.44 28.62
CA TYR B 142 9.85 -1.85 28.04
C TYR B 142 9.77 -0.39 28.46
N ASP B 143 10.18 0.51 27.57
CA ASP B 143 10.28 1.92 27.92
C ASP B 143 8.92 2.55 28.14
N ALA B 144 7.85 1.91 27.66
CA ALA B 144 6.50 2.35 27.98
C ALA B 144 6.34 2.59 29.47
N LEU B 145 7.07 1.84 30.29
CA LEU B 145 7.02 1.97 31.73
C LEU B 145 7.60 3.27 32.25
N PHE B 146 8.05 4.19 31.40
CA PHE B 146 8.44 5.53 31.85
C PHE B 146 7.36 6.57 31.59
N LEU B 147 6.36 6.24 30.80
CA LEU B 147 5.34 7.22 30.48
C LEU B 147 4.51 7.53 31.71
N PRO B 148 4.11 8.79 31.89
CA PRO B 148 3.27 9.14 33.04
C PRO B 148 1.83 8.68 32.92
N ASP B 149 1.33 8.40 31.71
CA ASP B 149 -0.04 7.92 31.58
C ASP B 149 -0.20 6.45 31.99
N ILE B 150 0.88 5.83 32.47
CA ILE B 150 0.89 4.44 32.91
C ILE B 150 1.07 4.43 34.42
N SER B 151 -0.03 4.15 35.12
CA SER B 151 -0.08 4.17 36.57
C SER B 151 0.80 3.08 37.16
N ALA B 152 1.21 3.28 38.41
CA ALA B 152 1.96 2.25 39.11
C ALA B 152 1.11 1.01 39.32
N GLU B 153 -0.21 1.16 39.35
CA GLU B 153 -1.10 0.01 39.44
C GLU B 153 -0.99 -0.85 38.20
N MET B 154 -1.17 -0.25 37.03
CA MET B 154 -1.13 -1.08 35.82
C MET B 154 0.29 -1.48 35.47
N ALA B 155 1.28 -0.67 35.86
CA ALA B 155 2.67 -1.05 35.67
C ALA B 155 2.94 -2.45 36.22
N TYR B 156 2.55 -2.69 37.47
CA TYR B 156 2.79 -4.00 38.07
C TYR B 156 2.07 -5.10 37.28
N ASP B 157 0.95 -4.77 36.64
CA ASP B 157 0.20 -5.76 35.87
C ASP B 157 0.82 -5.97 34.48
N ILE B 158 1.27 -4.90 33.82
CA ILE B 158 1.97 -5.08 32.56
C ILE B 158 3.22 -5.94 32.73
N VAL B 159 3.98 -5.70 33.80
CA VAL B 159 5.16 -6.51 34.07
C VAL B 159 4.79 -7.97 34.19
N GLY B 160 3.71 -8.26 34.93
CA GLY B 160 3.37 -9.64 35.23
C GLY B 160 2.83 -10.40 34.04
N LYS B 161 2.22 -9.70 33.09
CA LYS B 161 1.70 -10.29 31.88
C LYS B 161 2.75 -10.47 30.78
N HIS B 162 4.05 -10.08 31.01
CA HIS B 162 4.95 -10.27 29.88
C HIS B 162 5.97 -11.38 30.13
N PRO B 163 6.24 -12.19 29.13
CA PRO B 163 7.04 -13.41 29.38
C PRO B 163 8.48 -13.16 29.73
N GLU B 164 9.08 -12.03 29.38
CA GLU B 164 10.50 -11.83 29.67
C GLU B 164 10.78 -11.33 31.07
N ILE B 165 9.76 -10.93 31.82
CA ILE B 165 10.01 -10.27 33.10
C ILE B 165 9.05 -10.75 34.18
N GLN B 166 8.21 -11.73 33.84
CA GLN B 166 7.16 -12.18 34.74
C GLN B 166 7.72 -12.85 35.99
N SER B 167 8.99 -13.30 35.94
CA SER B 167 9.61 -13.86 37.14
C SER B 167 9.76 -12.83 38.25
N VAL B 168 9.71 -11.55 37.93
CA VAL B 168 9.87 -10.51 38.91
C VAL B 168 8.60 -10.32 39.72
N THR B 169 7.48 -10.68 39.14
CA THR B 169 6.24 -10.71 39.87
C THR B 169 5.93 -12.15 40.26
N ASP B 170 4.74 -12.35 40.82
CA ASP B 170 4.34 -13.70 41.20
C ASP B 170 3.39 -14.26 40.16
N ASN B 171 3.78 -14.00 38.90
CA ASN B 171 3.25 -14.67 37.72
C ASN B 171 4.32 -15.54 37.08
N ASP B 172 5.33 -15.95 37.84
CA ASP B 172 6.42 -16.75 37.32
C ASP B 172 6.00 -18.14 36.89
N ALA B 173 4.72 -18.48 36.94
CA ALA B 173 4.27 -19.83 36.63
C ALA B 173 3.61 -19.92 35.27
N ASN B 174 3.41 -18.77 34.58
CA ASN B 174 2.69 -18.76 33.33
C ASN B 174 3.56 -19.31 32.20
N GLN B 175 2.96 -20.13 31.36
CA GLN B 175 3.57 -20.74 30.18
C GLN B 175 3.27 -19.93 28.92
N TRP B 176 4.12 -20.13 27.89
CA TRP B 176 4.07 -19.30 26.69
C TRP B 176 4.27 -20.13 25.44
N PHE B 177 3.48 -19.84 24.41
CA PHE B 177 3.48 -20.56 23.15
C PHE B 177 3.46 -19.57 22.00
N ALA B 178 4.00 -20.01 20.87
CA ALA B 178 3.85 -19.31 19.62
C ALA B 178 3.39 -20.30 18.56
N ALA B 179 2.60 -19.80 17.60
CA ALA B 179 2.21 -20.61 16.46
C ALA B 179 3.43 -20.91 15.62
N GLU B 180 3.42 -22.06 14.96
CA GLU B 180 4.60 -22.43 14.20
C GLU B 180 4.48 -22.15 12.72
N THR B 181 3.29 -22.29 12.14
CA THR B 181 3.10 -21.78 10.79
C THR B 181 2.79 -20.30 10.79
N GLY B 182 2.95 -19.63 11.94
CA GLY B 182 2.64 -18.22 12.08
C GLY B 182 1.18 -17.96 12.37
N PHE B 183 0.87 -16.88 13.11
CA PHE B 183 -0.52 -16.67 13.51
C PHE B 183 -1.39 -16.35 12.31
N ALA B 184 -0.80 -15.93 11.19
CA ALA B 184 -1.61 -15.79 9.99
C ALA B 184 -2.37 -17.07 9.70
N GLY B 185 -1.76 -18.22 10.00
CA GLY B 185 -2.44 -19.49 9.79
C GLY B 185 -3.80 -19.55 10.46
N LEU B 186 -3.92 -18.96 11.65
CA LEU B 186 -5.24 -18.84 12.25
C LEU B 186 -6.10 -17.87 11.46
N ILE B 187 -5.61 -16.65 11.21
CA ILE B 187 -6.39 -15.66 10.46
C ILE B 187 -6.94 -16.27 9.18
N GLN B 188 -6.11 -16.98 8.44
CA GLN B 188 -6.56 -17.59 7.19
CA GLN B 188 -6.58 -17.55 7.19
C GLN B 188 -7.71 -18.55 7.44
N GLY B 189 -7.61 -19.33 8.52
CA GLY B 189 -8.64 -20.32 8.82
C GLY B 189 -10.00 -19.69 9.09
N ILE B 190 -10.02 -18.57 9.80
CA ILE B 190 -11.26 -17.86 10.04
C ILE B 190 -11.78 -17.26 8.73
N LYS B 191 -10.93 -16.52 8.03
CA LYS B 191 -11.29 -15.99 6.73
C LYS B 191 -11.95 -17.07 5.89
N ALA B 192 -11.27 -18.21 5.74
CA ALA B 192 -11.78 -19.28 4.89
C ALA B 192 -13.15 -19.75 5.35
N LYS B 193 -13.35 -19.81 6.66
CA LYS B 193 -14.60 -20.35 7.21
C LYS B 193 -15.72 -19.33 7.10
N VAL B 194 -15.42 -18.06 7.33
CA VAL B 194 -16.40 -17.01 7.13
C VAL B 194 -16.69 -16.80 5.63
N LYS B 195 -15.74 -17.11 4.74
CA LYS B 195 -16.13 -17.12 3.33
C LYS B 195 -17.17 -18.20 3.09
N ALA B 196 -16.87 -19.45 3.45
CA ALA B 196 -17.76 -20.57 3.15
C ALA B 196 -19.15 -20.37 3.73
N ALA B 197 -19.28 -19.63 4.83
CA ALA B 197 -20.60 -19.25 5.29
C ALA B 197 -21.24 -18.21 4.40
N GLY B 198 -20.52 -17.63 3.45
CA GLY B 198 -21.14 -16.67 2.56
C GLY B 198 -21.00 -15.21 2.96
N ALA B 199 -20.11 -14.87 3.88
CA ALA B 199 -19.77 -13.45 3.93
C ALA B 199 -18.99 -13.09 2.68
N ARG B 200 -18.80 -11.78 2.49
CA ARG B 200 -18.23 -11.28 1.26
C ARG B 200 -17.18 -10.23 1.61
N PHE B 201 -15.98 -10.39 1.08
CA PHE B 201 -14.82 -9.61 1.49
C PHE B 201 -14.47 -8.58 0.40
N SER B 202 -14.52 -7.30 0.76
CA SER B 202 -14.03 -6.20 -0.08
C SER B 202 -12.75 -5.64 0.55
N LEU B 203 -11.60 -6.17 0.15
CA LEU B 203 -10.34 -5.79 0.79
C LEU B 203 -9.62 -4.69 0.00
N GLY B 204 -8.88 -3.88 0.73
CA GLY B 204 -8.29 -2.70 0.11
C GLY B 204 -9.24 -1.53 -0.05
N TYR B 205 -10.23 -1.39 0.84
CA TYR B 205 -11.13 -0.25 0.86
C TYR B 205 -11.18 0.29 2.29
N ARG B 206 -11.16 1.62 2.40
CA ARG B 206 -10.98 2.30 3.67
C ARG B 206 -12.18 3.19 3.96
N LEU B 207 -12.83 2.97 5.09
CA LEU B 207 -13.93 3.83 5.48
C LEU B 207 -13.46 5.27 5.74
N LEU B 208 -14.13 6.24 5.11
CA LEU B 208 -13.84 7.66 5.28
C LEU B 208 -14.84 8.38 6.16
N SER B 209 -16.13 8.09 6.00
CA SER B 209 -17.17 8.69 6.82
C SER B 209 -18.38 7.77 6.80
N VAL B 210 -19.28 8.00 7.74
CA VAL B 210 -20.52 7.24 7.74
C VAL B 210 -21.65 8.14 8.22
N ARG B 211 -22.76 8.12 7.49
CA ARG B 211 -23.95 8.90 7.81
C ARG B 211 -25.10 7.95 8.10
N THR B 212 -25.78 8.24 9.20
CA THR B 212 -27.08 7.63 9.48
C THR B 212 -28.17 8.15 8.52
N ASP B 213 -28.98 7.22 7.99
CA ASP B 213 -30.21 7.59 7.23
C ASP B 213 -31.34 6.65 7.66
N GLY B 214 -31.89 6.91 8.85
CA GLY B 214 -33.04 6.19 9.37
C GLY B 214 -32.85 4.73 9.76
N ASP B 215 -33.36 3.84 8.91
CA ASP B 215 -33.29 2.40 9.16
C ASP B 215 -31.84 1.93 9.34
N GLY B 216 -31.00 2.16 8.31
CA GLY B 216 -29.62 1.72 8.29
C GLY B 216 -28.59 2.83 8.24
N TYR B 217 -27.52 2.61 7.46
CA TYR B 217 -26.35 3.48 7.44
C TYR B 217 -25.76 3.53 6.04
N LEU B 218 -25.11 4.66 5.74
CA LEU B 218 -24.52 4.88 4.44
C LEU B 218 -23.02 5.10 4.60
N LEU B 219 -22.21 4.17 4.11
CA LEU B 219 -20.76 4.25 4.30
C LEU B 219 -20.07 4.75 3.04
N GLN B 220 -19.14 5.69 3.21
CA GLN B 220 -18.32 6.23 2.12
C GLN B 220 -16.90 5.72 2.29
N LEU B 221 -16.48 4.81 1.41
CA LEU B 221 -15.15 4.22 1.45
C LEU B 221 -14.35 4.63 0.23
N ALA B 222 -13.03 4.63 0.36
CA ALA B 222 -12.13 4.92 -0.76
C ALA B 222 -11.22 3.73 -1.02
N GLY B 223 -11.35 3.13 -2.20
CA GLY B 223 -10.45 2.08 -2.59
C GLY B 223 -8.99 2.52 -2.57
N ASP B 224 -8.11 1.52 -2.47
CA ASP B 224 -6.69 1.84 -2.39
C ASP B 224 -6.11 2.32 -3.74
N ASP B 225 -6.83 2.13 -4.84
CA ASP B 225 -6.39 2.64 -6.14
C ASP B 225 -7.16 3.89 -6.55
N GLY B 226 -7.96 4.45 -5.65
CA GLY B 226 -8.52 5.77 -5.80
C GLY B 226 -10.01 5.78 -5.95
N TRP B 227 -10.58 4.66 -6.39
CA TRP B 227 -12.02 4.49 -6.60
C TRP B 227 -12.84 4.87 -5.37
N LYS B 228 -13.65 5.91 -5.46
CA LYS B 228 -14.58 6.20 -4.36
C LYS B 228 -15.73 5.19 -4.41
N LEU B 229 -16.42 5.03 -3.27
CA LEU B 229 -17.36 3.91 -3.13
CA LEU B 229 -17.37 3.92 -3.14
C LEU B 229 -18.31 4.20 -1.98
N GLU B 230 -19.60 4.19 -2.25
CA GLU B 230 -20.65 4.32 -1.26
C GLU B 230 -21.26 2.93 -1.04
N HIS B 231 -21.63 2.63 0.19
CA HIS B 231 -22.17 1.34 0.54
C HIS B 231 -23.25 1.51 1.61
N ARG B 232 -24.37 0.83 1.42
CA ARG B 232 -25.52 0.99 2.27
C ARG B 232 -25.78 -0.28 3.07
N THR B 233 -25.85 -0.15 4.38
CA THR B 233 -26.01 -1.33 5.21
C THR B 233 -26.98 -1.06 6.35
N ARG B 234 -27.53 -2.15 6.89
CA ARG B 234 -28.51 -2.06 7.97
C ARG B 234 -27.88 -2.11 9.36
N HIS B 235 -26.81 -2.87 9.55
CA HIS B 235 -26.16 -3.01 10.86
C HIS B 235 -24.64 -2.93 10.69
N LEU B 236 -23.97 -2.17 11.56
CA LEU B 236 -22.56 -1.84 11.36
C LEU B 236 -21.73 -2.05 12.62
N ILE B 237 -20.69 -2.88 12.53
CA ILE B 237 -19.68 -2.99 13.56
C ILE B 237 -18.37 -2.43 13.04
N LEU B 238 -17.66 -1.68 13.88
CA LEU B 238 -16.37 -1.09 13.54
C LEU B 238 -15.30 -1.78 14.38
N ALA B 239 -14.80 -2.91 13.87
CA ALA B 239 -13.76 -3.68 14.54
C ALA B 239 -12.41 -3.06 14.19
N ILE B 240 -12.25 -1.82 14.64
CA ILE B 240 -11.06 -1.05 14.35
C ILE B 240 -10.55 -0.50 15.67
N PRO B 241 -9.27 -0.19 15.80
CA PRO B 241 -8.77 0.34 17.05
C PRO B 241 -9.32 1.72 17.35
N PRO B 242 -9.12 2.20 18.58
CA PRO B 242 -9.54 3.57 18.91
C PRO B 242 -8.97 4.63 18.00
N SER B 243 -7.65 4.64 17.81
CA SER B 243 -7.04 5.63 16.95
C SER B 243 -7.72 5.67 15.60
N ALA B 244 -8.10 4.50 15.08
CA ALA B 244 -8.86 4.46 13.84
C ALA B 244 -10.19 5.19 13.99
N MET B 245 -10.89 4.94 15.11
CA MET B 245 -12.19 5.57 15.37
C MET B 245 -12.09 7.08 15.39
N ALA B 246 -11.04 7.62 16.02
CA ALA B 246 -10.88 9.07 16.09
C ALA B 246 -10.88 9.69 14.71
N GLY B 247 -10.42 8.96 13.72
CA GLY B 247 -10.36 9.41 12.35
C GLY B 247 -11.64 9.72 11.63
N LEU B 248 -12.65 8.91 11.85
CA LEU B 248 -13.95 9.04 11.26
C LEU B 248 -14.81 10.12 11.89
N ASN B 249 -15.89 10.43 11.17
CA ASN B 249 -16.85 11.45 11.52
C ASN B 249 -17.70 11.13 12.69
N VAL B 250 -17.84 9.84 13.00
CA VAL B 250 -18.64 9.45 14.15
C VAL B 250 -18.00 10.05 15.35
N ASP B 251 -18.81 10.62 16.22
CA ASP B 251 -18.22 11.29 17.33
C ASP B 251 -17.61 10.26 18.19
N PHE B 252 -16.31 10.39 18.38
CA PHE B 252 -15.56 9.53 19.27
C PHE B 252 -14.42 10.34 19.87
N PRO B 253 -14.11 10.12 21.17
CA PRO B 253 -14.62 9.10 22.11
C PRO B 253 -15.92 9.43 22.82
N GLU B 254 -16.41 10.66 22.64
CA GLU B 254 -17.37 11.20 23.60
C GLU B 254 -18.75 10.58 23.41
N ALA B 255 -19.11 10.26 22.18
CA ALA B 255 -20.45 9.71 22.05
C ALA B 255 -20.53 8.28 22.47
N TRP B 256 -19.53 7.80 23.21
CA TRP B 256 -19.31 6.37 23.34
C TRP B 256 -19.05 5.95 24.78
N SER B 257 -18.14 6.65 25.45
CA SER B 257 -17.80 6.32 26.83
C SER B 257 -17.08 7.51 27.44
N GLY B 258 -16.92 7.46 28.76
CA GLY B 258 -16.15 8.49 29.43
C GLY B 258 -14.68 8.46 29.04
N ALA B 259 -14.09 7.26 28.99
CA ALA B 259 -12.64 7.09 28.92
C ALA B 259 -12.04 7.78 27.70
N ARG B 260 -10.78 8.20 27.84
CA ARG B 260 -9.91 8.58 26.73
C ARG B 260 -8.86 7.50 26.55
N TYR B 261 -8.29 7.45 25.34
CA TYR B 261 -7.45 6.35 24.92
C TYR B 261 -6.09 6.86 24.44
N GLY B 262 -5.06 6.02 24.61
CA GLY B 262 -3.73 6.34 24.13
C GLY B 262 -3.08 5.15 23.45
N SER B 263 -1.90 5.40 22.87
CA SER B 263 -1.22 4.37 22.11
C SER B 263 0.30 4.59 22.14
N LEU B 264 1.04 3.50 21.91
CA LEU B 264 2.50 3.47 21.86
C LEU B 264 2.95 2.98 20.50
N PRO B 265 4.06 3.49 20.00
CA PRO B 265 4.67 2.87 18.82
C PRO B 265 5.47 1.64 19.21
N LEU B 266 5.55 0.69 18.29
CA LEU B 266 6.35 -0.51 18.46
C LEU B 266 7.25 -0.70 17.25
N PHE B 267 8.46 -1.22 17.48
CA PHE B 267 9.38 -1.56 16.40
C PHE B 267 9.86 -2.99 16.58
N LYS B 268 10.10 -3.67 15.47
CA LYS B 268 10.65 -5.02 15.48
C LYS B 268 11.58 -5.17 14.28
N GLY B 269 12.79 -5.62 14.52
CA GLY B 269 13.73 -5.87 13.45
C GLY B 269 14.31 -7.26 13.52
N PHE B 270 14.45 -7.87 12.36
CA PHE B 270 14.90 -9.26 12.25
C PHE B 270 16.11 -9.30 11.34
N LEU B 271 16.99 -10.27 11.60
CA LEU B 271 18.19 -10.45 10.80
C LEU B 271 18.49 -11.93 10.73
N THR B 272 18.77 -12.43 9.52
CA THR B 272 19.31 -13.78 9.36
C THR B 272 20.76 -13.68 8.92
N TYR B 273 21.50 -14.75 9.21
CA TYR B 273 22.94 -14.75 9.03
C TYR B 273 23.37 -15.96 8.21
N GLY B 274 24.58 -15.86 7.64
CA GLY B 274 25.09 -16.93 6.79
C GLY B 274 25.27 -18.22 7.54
N GLU B 275 25.91 -18.17 8.69
CA GLU B 275 25.91 -19.26 9.65
C GLU B 275 25.36 -18.74 10.98
N PRO B 276 24.79 -19.62 11.80
CA PRO B 276 24.32 -19.18 13.12
C PRO B 276 25.47 -18.87 14.07
N TRP B 277 25.95 -17.63 14.05
CA TRP B 277 27.16 -17.24 14.79
C TRP B 277 26.97 -17.09 16.29
N TRP B 278 25.78 -17.32 16.82
CA TRP B 278 25.54 -17.13 18.25
C TRP B 278 25.47 -18.46 18.99
N LEU B 279 25.71 -19.57 18.31
CA LEU B 279 25.66 -20.86 18.99
C LEU B 279 26.91 -21.10 19.82
N ASP B 280 28.07 -20.61 19.37
CA ASP B 280 29.27 -20.73 20.18
C ASP B 280 29.11 -20.06 21.53
N TYR B 281 28.32 -18.99 21.60
CA TYR B 281 28.11 -18.28 22.85
C TYR B 281 26.95 -18.83 23.68
N LYS B 282 26.38 -19.98 23.27
CA LYS B 282 25.22 -20.61 23.92
C LYS B 282 24.05 -19.63 24.09
N LEU B 283 23.51 -19.19 22.96
CA LEU B 283 22.49 -18.15 23.01
C LEU B 283 21.20 -18.48 22.30
N ASP B 284 21.13 -19.57 21.55
CA ASP B 284 19.85 -19.97 20.99
C ASP B 284 18.78 -20.03 22.07
N ASP B 285 17.60 -19.55 21.73
CA ASP B 285 16.45 -19.52 22.63
C ASP B 285 16.74 -18.73 23.89
N GLN B 286 17.73 -17.84 23.86
CA GLN B 286 17.89 -16.87 24.93
C GLN B 286 17.44 -15.48 24.49
N VAL B 287 17.23 -14.64 25.50
CA VAL B 287 16.80 -13.25 25.34
C VAL B 287 17.56 -12.42 26.34
N LEU B 288 18.23 -11.37 25.87
CA LEU B 288 18.97 -10.46 26.74
C LEU B 288 18.26 -9.11 26.77
N ILE B 289 18.07 -8.57 27.96
CA ILE B 289 17.45 -7.26 28.10
C ILE B 289 18.53 -6.27 28.46
N VAL B 290 18.88 -5.40 27.53
CA VAL B 290 20.03 -4.51 27.66
C VAL B 290 19.54 -3.08 27.82
N ASP B 291 20.44 -2.21 28.31
CA ASP B 291 20.11 -0.81 28.51
C ASP B 291 20.46 0.07 27.33
N ASN B 292 20.89 -0.53 26.22
CA ASN B 292 21.17 0.18 24.98
C ASN B 292 19.99 0.08 24.03
N PRO B 293 20.04 0.78 22.89
CA PRO B 293 18.80 0.96 22.12
C PRO B 293 18.13 -0.32 21.65
N LEU B 294 18.87 -1.39 21.50
CA LEU B 294 18.27 -2.61 21.02
C LEU B 294 17.20 -3.06 21.98
N ARG B 295 17.47 -2.88 23.26
CA ARG B 295 16.58 -3.16 24.37
C ARG B 295 16.27 -4.58 24.66
N LYS B 296 15.68 -5.31 23.74
CA LYS B 296 15.43 -6.70 23.95
C LYS B 296 15.90 -7.41 22.75
N ILE B 297 16.90 -8.25 22.91
CA ILE B 297 17.51 -9.02 21.83
C ILE B 297 17.14 -10.49 22.03
N TYR B 298 16.58 -11.09 21.00
CA TYR B 298 16.12 -12.47 21.06
C TYR B 298 16.98 -13.30 20.11
N PHE B 299 17.22 -14.57 20.45
CA PHE B 299 17.97 -15.44 19.53
C PHE B 299 17.17 -16.70 19.28
N LYS B 300 16.63 -16.85 18.07
CA LYS B 300 15.68 -17.94 17.81
C LYS B 300 16.43 -19.12 17.23
N GLY B 301 16.60 -20.16 18.05
CA GLY B 301 17.32 -21.36 17.66
C GLY B 301 18.56 -21.01 16.88
N ASP B 302 18.67 -21.58 15.68
CA ASP B 302 19.79 -21.35 14.79
C ASP B 302 19.34 -20.64 13.52
N LYS B 303 18.23 -19.91 13.60
CA LYS B 303 17.51 -19.40 12.43
C LYS B 303 17.57 -17.89 12.26
N TYR B 304 17.47 -17.12 13.33
CA TYR B 304 17.58 -15.68 13.24
C TYR B 304 17.68 -15.12 14.66
N LEU B 305 18.01 -13.85 14.74
CA LEU B 305 17.84 -13.10 15.97
C LEU B 305 16.89 -11.96 15.63
N PHE B 306 16.39 -11.27 16.65
CA PHE B 306 15.65 -10.04 16.41
C PHE B 306 15.64 -9.20 17.67
N PHE B 307 15.18 -7.96 17.54
CA PHE B 307 15.00 -7.11 18.70
C PHE B 307 13.62 -6.50 18.64
N TYR B 308 13.25 -5.78 19.69
CA TYR B 308 11.85 -5.40 19.90
C TYR B 308 11.81 -4.21 20.84
N THR B 309 11.26 -3.09 20.36
CA THR B 309 11.41 -1.83 21.05
C THR B 309 10.06 -1.12 21.09
N ASP B 310 9.91 -0.12 21.97
CA ASP B 310 8.61 0.52 22.10
C ASP B 310 8.74 1.97 22.55
N SER B 311 7.62 2.67 22.50
N SER B 311 7.61 2.65 22.61
CA SER B 311 7.49 4.05 22.95
CA SER B 311 7.53 4.05 22.96
C SER B 311 8.62 4.87 22.33
C SER B 311 8.69 4.83 22.33
N GLU B 312 9.42 5.61 23.12
CA GLU B 312 10.45 6.49 22.55
C GLU B 312 11.44 5.72 21.71
N MET B 313 11.82 4.55 22.18
CA MET B 313 12.83 3.79 21.50
C MET B 313 12.33 3.15 20.20
N ALA B 314 11.01 3.06 19.96
CA ALA B 314 10.55 2.68 18.64
C ALA B 314 10.80 3.79 17.63
N ASN B 315 10.37 5.03 17.95
CA ASN B 315 10.62 6.17 17.08
C ASN B 315 12.10 6.41 16.86
N TYR B 316 12.94 5.94 17.76
CA TYR B 316 14.35 6.06 17.51
C TYR B 316 14.77 5.21 16.31
N TRP B 317 14.25 3.99 16.22
CA TRP B 317 14.62 3.12 15.11
C TRP B 317 13.83 3.43 13.83
N ARG B 318 12.57 3.86 13.93
CA ARG B 318 11.91 4.32 12.72
C ARG B 318 12.64 5.53 12.16
N GLY B 319 13.17 6.38 13.03
CA GLY B 319 14.11 7.41 12.62
C GLY B 319 15.36 6.85 11.95
N CYS B 320 16.18 6.08 12.67
CA CYS B 320 17.41 5.51 12.11
CA CYS B 320 17.42 5.62 12.06
C CYS B 320 17.16 4.79 10.79
N VAL B 321 15.95 4.26 10.60
CA VAL B 321 15.65 3.50 9.39
C VAL B 321 15.43 4.44 8.21
N ALA B 322 14.84 5.60 8.47
CA ALA B 322 14.60 6.60 7.45
C ALA B 322 15.91 7.29 7.02
N GLU B 323 16.84 7.48 7.96
CA GLU B 323 18.14 8.02 7.60
C GLU B 323 18.97 6.93 6.94
N GLY B 324 18.41 6.29 5.93
CA GLY B 324 19.13 5.28 5.19
C GLY B 324 19.33 3.95 5.89
N GLU B 325 19.15 2.89 5.11
CA GLU B 325 19.27 1.53 5.63
C GLU B 325 20.68 1.21 6.13
N ASP B 326 21.68 1.96 5.66
CA ASP B 326 23.08 1.55 5.77
C ASP B 326 23.56 1.59 7.21
N GLY B 327 23.35 2.72 7.88
CA GLY B 327 23.82 2.90 9.23
C GLY B 327 22.96 2.25 10.27
N TYR B 328 21.66 2.07 9.97
CA TYR B 328 20.78 1.20 10.74
C TYR B 328 21.41 -0.17 10.89
N LEU B 329 21.75 -0.82 9.76
CA LEU B 329 22.40 -2.11 9.85
C LEU B 329 23.70 -2.02 10.64
N GLU B 330 24.27 -0.83 10.74
CA GLU B 330 25.55 -0.66 11.40
C GLU B 330 25.43 -0.27 12.86
N GLN B 331 24.45 0.58 13.22
CA GLN B 331 24.19 0.79 14.64
CA GLN B 331 24.19 0.79 14.64
C GLN B 331 23.85 -0.53 15.32
N ILE B 332 23.29 -1.49 14.57
CA ILE B 332 22.81 -2.72 15.18
C ILE B 332 23.97 -3.65 15.56
N ARG B 333 24.95 -3.87 14.66
CA ARG B 333 26.07 -4.70 15.09
C ARG B 333 26.98 -3.97 16.08
N THR B 334 26.98 -2.65 16.06
CA THR B 334 27.61 -1.92 17.16
C THR B 334 27.01 -2.37 18.48
N HIS B 335 25.67 -2.24 18.60
CA HIS B 335 24.97 -2.52 19.85
C HIS B 335 24.91 -4.01 20.15
N LEU B 336 24.89 -4.86 19.13
CA LEU B 336 25.02 -6.28 19.40
C LEU B 336 26.31 -6.58 20.11
N ALA B 337 27.37 -5.84 19.79
CA ALA B 337 28.69 -6.06 20.38
C ALA B 337 28.70 -5.72 21.88
N SER B 338 28.09 -4.58 22.25
CA SER B 338 28.14 -4.19 23.66
C SER B 338 27.42 -5.22 24.52
N ALA B 339 26.22 -5.60 24.09
CA ALA B 339 25.41 -6.59 24.78
C ALA B 339 26.19 -7.88 25.03
N LEU B 340 26.96 -8.32 24.04
CA LEU B 340 27.76 -9.54 24.20
C LEU B 340 29.09 -9.33 24.88
N GLY B 341 29.54 -8.08 25.05
CA GLY B 341 30.88 -7.84 25.52
C GLY B 341 31.91 -8.45 24.59
N ILE B 342 31.78 -8.19 23.29
CA ILE B 342 32.78 -8.59 22.32
C ILE B 342 33.16 -7.39 21.48
N VAL B 343 34.17 -7.57 20.67
CA VAL B 343 34.57 -6.48 19.80
C VAL B 343 33.69 -6.55 18.56
N ARG B 344 33.43 -5.36 17.99
CA ARG B 344 32.47 -5.19 16.92
C ARG B 344 32.68 -6.15 15.76
N GLU B 345 33.91 -6.58 15.52
CA GLU B 345 34.23 -7.32 14.32
C GLU B 345 33.93 -8.80 14.41
N ARG B 346 33.71 -9.35 15.61
CA ARG B 346 33.30 -10.75 15.69
CA ARG B 346 33.30 -10.75 15.69
C ARG B 346 31.86 -10.97 15.24
N ILE B 347 31.12 -9.90 14.97
CA ILE B 347 29.71 -9.97 14.56
C ILE B 347 29.65 -9.85 13.04
N PRO B 348 29.22 -10.87 12.31
CA PRO B 348 29.22 -10.78 10.84
C PRO B 348 28.10 -9.90 10.31
N GLN B 349 28.22 -9.59 9.04
CA GLN B 349 27.12 -8.91 8.39
CA GLN B 349 27.15 -8.92 8.33
C GLN B 349 25.98 -9.89 8.10
N PRO B 350 24.75 -9.38 8.05
CA PRO B 350 23.60 -10.24 7.75
C PRO B 350 23.32 -10.30 6.26
N LEU B 351 22.72 -11.41 5.83
CA LEU B 351 22.37 -11.44 4.41
C LEU B 351 20.98 -10.86 4.15
N ALA B 352 19.99 -11.28 4.91
CA ALA B 352 18.64 -10.76 4.81
C ALA B 352 18.26 -10.03 6.10
N HIS B 353 17.34 -9.09 5.98
CA HIS B 353 16.79 -8.46 7.19
C HIS B 353 15.49 -7.73 6.86
N VAL B 354 14.54 -7.81 7.78
CA VAL B 354 13.25 -7.14 7.62
C VAL B 354 12.86 -6.50 8.96
N HIS B 355 12.17 -5.36 8.89
CA HIS B 355 11.79 -4.59 10.07
C HIS B 355 10.37 -4.06 9.89
N LYS B 356 9.68 -3.78 11.00
CA LYS B 356 8.35 -3.21 10.91
C LYS B 356 8.13 -2.19 12.03
N TYR B 357 7.42 -1.11 11.72
CA TYR B 357 7.06 -0.10 12.69
C TYR B 357 5.55 0.01 12.78
N TRP B 358 5.02 0.07 14.00
CA TRP B 358 3.59 0.28 14.18
C TRP B 358 3.43 1.59 14.88
N ALA B 359 2.81 2.56 14.21
CA ALA B 359 2.61 3.85 14.85
C ALA B 359 1.76 3.70 16.12
N HIS B 360 0.66 2.95 16.03
CA HIS B 360 -0.20 2.63 17.16
C HIS B 360 -0.17 1.13 17.35
N GLY B 361 0.92 0.62 17.89
CA GLY B 361 1.04 -0.82 18.03
C GLY B 361 0.24 -1.35 19.19
N VAL B 362 0.28 -0.63 20.31
CA VAL B 362 -0.53 -0.93 21.47
C VAL B 362 -1.48 0.23 21.67
N GLU B 363 -2.77 -0.08 21.82
CA GLU B 363 -3.79 0.89 22.20
C GLU B 363 -4.42 0.50 23.52
N PHE B 364 -4.54 1.46 24.42
CA PHE B 364 -4.93 1.07 25.75
C PHE B 364 -6.03 1.95 26.31
N CYS B 365 -6.28 1.75 27.60
CA CYS B 365 -7.60 1.61 28.20
C CYS B 365 -7.87 2.65 29.28
N ARG B 366 -6.98 3.65 29.44
CA ARG B 366 -7.08 4.73 30.45
C ARG B 366 -8.44 5.42 30.49
N ASP B 371 -15.37 0.65 35.25
CA ASP B 371 -15.93 1.80 34.54
C ASP B 371 -15.86 1.64 33.01
N HIS B 372 -15.61 0.43 32.50
CA HIS B 372 -15.49 0.16 31.03
C HIS B 372 -15.98 -1.22 30.51
N PRO B 373 -16.91 -1.24 29.55
CA PRO B 373 -17.44 -2.48 28.97
C PRO B 373 -16.61 -3.07 27.86
N SER B 374 -16.92 -4.29 27.44
CA SER B 374 -16.20 -4.97 26.36
C SER B 374 -16.31 -4.38 24.95
N ALA B 375 -17.51 -3.98 24.55
CA ALA B 375 -17.76 -3.40 23.24
C ALA B 375 -18.57 -2.14 23.44
N LEU B 376 -18.18 -1.07 22.77
CA LEU B 376 -18.82 0.22 22.87
C LEU B 376 -20.07 0.29 22.00
N SER B 377 -20.91 1.28 22.30
CA SER B 377 -22.06 1.62 21.48
C SER B 377 -22.17 3.13 21.40
N HIS B 378 -22.58 3.61 20.22
CA HIS B 378 -22.90 5.02 20.08
C HIS B 378 -24.19 5.32 20.83
N ARG B 379 -24.17 6.39 21.66
CA ARG B 379 -25.37 6.70 22.41
C ARG B 379 -26.54 6.96 21.46
N ASP B 380 -26.39 7.91 20.53
CA ASP B 380 -27.46 8.26 19.60
C ASP B 380 -27.66 7.19 18.54
N SER B 381 -26.69 7.07 17.62
CA SER B 381 -26.82 6.26 16.41
C SER B 381 -26.72 4.76 16.65
N GLY B 382 -26.21 4.33 17.81
CA GLY B 382 -26.12 2.91 18.10
C GLY B 382 -25.42 2.07 17.05
N ILE B 383 -24.19 2.44 16.70
CA ILE B 383 -23.31 1.57 15.92
C ILE B 383 -22.36 0.96 16.93
N ILE B 384 -21.87 -0.22 16.63
CA ILE B 384 -21.06 -0.97 17.59
C ILE B 384 -19.59 -0.81 17.23
N ALA B 385 -18.76 -0.68 18.27
CA ALA B 385 -17.31 -0.67 18.16
C ALA B 385 -16.72 -1.84 18.95
N CYS B 386 -15.68 -2.47 18.43
CA CYS B 386 -14.99 -3.46 19.26
C CYS B 386 -13.51 -3.55 18.87
N SER B 387 -12.66 -3.62 19.89
CA SER B 387 -11.23 -3.78 19.70
C SER B 387 -10.60 -4.29 20.99
N ASP B 388 -9.36 -4.75 20.89
CA ASP B 388 -8.56 -5.14 22.06
C ASP B 388 -8.57 -4.09 23.16
N ALA B 389 -8.73 -2.82 22.81
CA ALA B 389 -8.52 -1.75 23.77
C ALA B 389 -9.67 -1.58 24.74
N TYR B 390 -10.87 -2.00 24.37
CA TYR B 390 -12.07 -1.89 25.20
C TYR B 390 -12.16 -3.00 26.23
N THR B 391 -11.06 -3.59 26.65
CA THR B 391 -11.12 -4.80 27.44
C THR B 391 -10.09 -4.78 28.55
N GLU B 392 -10.23 -5.75 29.46
CA GLU B 392 -9.19 -5.99 30.47
C GLU B 392 -7.89 -6.46 29.84
N HIS B 393 -7.92 -6.92 28.59
CA HIS B 393 -6.72 -7.32 27.87
C HIS B 393 -6.35 -6.35 26.76
N CYS B 394 -6.50 -5.03 27.01
CA CYS B 394 -5.92 -4.02 26.13
C CYS B 394 -4.49 -4.42 25.77
N GLY B 395 -4.17 -4.29 24.48
CA GLY B 395 -2.89 -4.69 23.93
C GLY B 395 -2.71 -6.17 23.66
N TRP B 396 -3.70 -7.01 23.97
CA TRP B 396 -3.59 -8.44 23.72
C TRP B 396 -4.67 -8.85 22.72
N MET B 397 -4.34 -9.85 21.90
CA MET B 397 -5.34 -10.33 20.96
C MET B 397 -6.34 -11.30 21.58
N GLU B 398 -6.24 -11.56 22.88
CA GLU B 398 -7.41 -12.05 23.61
C GLU B 398 -8.41 -10.94 23.84
N GLY B 399 -7.93 -9.68 23.95
CA GLY B 399 -8.84 -8.56 24.05
C GLY B 399 -9.74 -8.44 22.83
N GLY B 400 -9.16 -8.64 21.64
CA GLY B 400 -10.00 -8.73 20.45
C GLY B 400 -11.03 -9.83 20.57
N LEU B 401 -10.58 -11.04 20.89
CA LEU B 401 -11.42 -12.22 20.84
C LEU B 401 -12.69 -12.09 21.68
N LEU B 402 -12.62 -11.36 22.79
CA LEU B 402 -13.83 -11.29 23.61
C LEU B 402 -14.59 -9.99 23.43
N SER B 403 -13.93 -8.86 23.25
CA SER B 403 -14.65 -7.69 22.73
C SER B 403 -15.51 -8.07 21.54
N ALA B 404 -14.96 -8.89 20.63
CA ALA B 404 -15.74 -9.35 19.48
C ALA B 404 -16.97 -10.12 19.94
N ARG B 405 -16.85 -10.93 21.00
CA ARG B 405 -17.98 -11.76 21.41
C ARG B 405 -19.07 -10.95 22.09
N GLU B 406 -18.69 -9.99 22.96
CA GLU B 406 -19.68 -9.05 23.46
C GLU B 406 -20.29 -8.25 22.32
N ALA B 407 -19.44 -7.73 21.43
CA ALA B 407 -19.97 -6.95 20.31
C ALA B 407 -20.97 -7.75 19.48
N SER B 408 -20.59 -8.96 19.06
CA SER B 408 -21.51 -9.77 18.26
C SER B 408 -22.85 -9.90 18.99
N ARG B 409 -22.83 -10.35 20.24
CA ARG B 409 -24.10 -10.49 20.95
C ARG B 409 -24.82 -9.15 21.06
N LEU B 410 -24.09 -8.09 21.41
CA LEU B 410 -24.67 -6.75 21.49
C LEU B 410 -25.42 -6.33 20.24
N LEU B 411 -25.12 -6.95 19.09
CA LEU B 411 -25.79 -6.64 17.84
C LEU B 411 -27.07 -7.45 17.70
N LEU B 412 -27.03 -8.75 18.00
CA LEU B 412 -28.26 -9.52 17.86
C LEU B 412 -29.32 -9.05 18.86
N GLN B 413 -28.90 -8.30 19.89
CA GLN B 413 -29.79 -7.41 20.64
C GLN B 413 -30.62 -6.53 19.71
N ARG B 414 -30.08 -6.16 18.56
CA ARG B 414 -30.70 -5.22 17.65
C ARG B 414 -31.54 -5.92 16.59
N ILE B 415 -31.37 -7.24 16.45
CA ILE B 415 -32.07 -8.03 15.43
C ILE B 415 -33.47 -8.42 15.87
N ALA B 416 -33.70 -8.56 17.18
CA ALA B 416 -35.06 -8.58 17.73
C ALA B 416 -35.18 -7.38 18.66
N ALA B 417 -35.62 -6.24 18.10
CA ALA B 417 -35.80 -5.00 18.85
C ALA B 417 -37.07 -4.25 18.40
#